data_4I4S
#
_entry.id   4I4S
#
_cell.length_a   72.050
_cell.length_b   39.140
_cell.length_c   119.390
_cell.angle_alpha   90.00
_cell.angle_beta   93.16
_cell.angle_gamma   90.00
#
_symmetry.space_group_name_H-M   'P 1 21 1'
#
loop_
_entity.id
_entity.type
_entity.pdbx_description
1 polymer 'BEL beta-trefoil'
2 branched beta-D-galactopyranose-(1-4)-beta-D-glucopyranose
3 non-polymer GLYCEROL
4 water water
#
_entity_poly.entity_id   1
_entity_poly.type   'polypeptide(L)'
_entity_poly.pdbx_seq_one_letter_code
;VNFPNIPAEGAQFRLRARDTGYVIYSRTENPPLVWQYNGPPYDDQLFTLIYGTGPHQNLYAIKSVPNGRVLFSRTSASPH
VGNIAGDGTYNDNWFQFIQDDNDPNSFRIYSLASDTVLYSRTTPDPQFGNYTGAKYDDQLWHFELV
;
_entity_poly.pdbx_strand_id   A,B,C,D
#
loop_
_chem_comp.id
_chem_comp.type
_chem_comp.name
_chem_comp.formula
BGC D-saccharide, beta linking beta-D-glucopyranose 'C6 H12 O6'
GAL D-saccharide, beta linking beta-D-galactopyranose 'C6 H12 O6'
GOL non-polymer GLYCEROL 'C3 H8 O3'
#
# COMPACT_ATOMS: atom_id res chain seq x y z
N VAL A 1 -5.07 30.86 11.02
CA VAL A 1 -4.93 30.92 9.53
C VAL A 1 -4.99 29.49 8.99
N ASN A 2 -5.82 29.29 7.97
CA ASN A 2 -5.90 27.99 7.32
C ASN A 2 -4.59 27.61 6.64
N PHE A 3 -4.21 26.35 6.74
CA PHE A 3 -3.02 25.86 6.08
C PHE A 3 -3.12 26.16 4.58
N PRO A 4 -2.10 26.81 4.01
CA PRO A 4 -2.18 27.28 2.62
C PRO A 4 -1.97 26.19 1.57
N ASN A 5 -1.39 25.05 1.95
CA ASN A 5 -1.14 23.97 1.00
C ASN A 5 -1.95 22.70 1.27
N ILE A 6 -3.26 22.82 1.11
CA ILE A 6 -4.16 21.70 1.28
C ILE A 6 -4.26 20.98 -0.06
N PRO A 7 -4.09 19.64 -0.07
CA PRO A 7 -4.15 18.89 -1.32
C PRO A 7 -5.43 19.13 -2.09
N ALA A 8 -5.33 19.15 -3.42
CA ALA A 8 -6.49 19.29 -4.28
C ALA A 8 -7.49 18.19 -3.96
N GLU A 9 -8.78 18.50 -4.09
CA GLU A 9 -9.82 17.54 -3.84
C GLU A 9 -9.58 16.29 -4.69
N GLY A 10 -9.59 15.13 -4.04
CA GLY A 10 -9.36 13.86 -4.72
C GLY A 10 -7.93 13.40 -4.83
N ALA A 11 -6.96 14.29 -4.53
CA ALA A 11 -5.56 13.92 -4.54
C ALA A 11 -5.22 13.09 -3.30
N GLN A 12 -4.44 12.03 -3.48
CA GLN A 12 -4.15 11.14 -2.35
C GLN A 12 -2.87 11.50 -1.62
N PHE A 13 -2.87 11.23 -0.32
CA PHE A 13 -1.77 11.61 0.55
C PHE A 13 -1.75 10.75 1.80
N ARG A 14 -0.60 10.78 2.47
CA ARG A 14 -0.49 10.34 3.86
C ARG A 14 -0.49 11.56 4.77
N LEU A 15 -0.92 11.33 6.01
CA LEU A 15 -0.82 12.32 7.08
C LEU A 15 0.30 11.90 8.00
N ARG A 16 1.39 12.65 7.99
CA ARG A 16 2.58 12.32 8.76
C ARG A 16 2.84 13.36 9.84
N ALA A 17 3.04 12.90 11.07
CA ALA A 17 3.32 13.81 12.18
C ALA A 17 4.71 14.39 11.99
N ARG A 18 4.84 15.70 12.17
CA ARG A 18 6.11 16.37 11.95
C ARG A 18 7.24 15.79 12.80
N ASP A 19 6.96 15.58 14.10
CA ASP A 19 8.02 15.19 15.04
C ASP A 19 8.25 13.69 15.16
N THR A 20 7.20 12.91 15.39
CA THR A 20 7.39 11.46 15.48
C THR A 20 7.71 10.85 14.13
N GLY A 21 7.16 11.43 13.07
CA GLY A 21 7.28 10.87 11.72
C GLY A 21 6.33 9.71 11.49
N TYR A 22 5.43 9.48 12.45
CA TYR A 22 4.43 8.42 12.30
C TYR A 22 3.31 8.89 11.38
N VAL A 23 2.63 7.93 10.75
CA VAL A 23 1.50 8.24 9.89
C VAL A 23 0.19 7.72 10.47
N ILE A 24 -0.91 8.36 10.08
CA ILE A 24 -2.23 7.89 10.45
C ILE A 24 -2.66 6.74 9.51
N TYR A 25 -3.28 5.71 10.08
CA TYR A 25 -3.96 4.72 9.26
C TYR A 25 -5.44 4.68 9.61
N SER A 26 -6.23 4.18 8.68
CA SER A 26 -7.67 4.05 8.85
C SER A 26 -8.09 2.75 8.18
N ARG A 27 -8.40 1.74 8.99
CA ARG A 27 -8.70 0.40 8.48
C ARG A 27 -10.02 -0.14 9.01
N THR A 28 -10.41 -1.33 8.57
CA THR A 28 -11.72 -1.89 8.92
C THR A 28 -11.65 -3.10 9.85
N GLU A 29 -10.45 -3.61 10.07
CA GLU A 29 -10.24 -4.77 10.93
C GLU A 29 -9.12 -4.54 11.96
N ASN A 30 -9.24 -5.19 13.11
CA ASN A 30 -8.25 -5.12 14.20
C ASN A 30 -8.13 -3.74 14.85
N PRO A 31 -8.92 -3.49 15.92
CA PRO A 31 -8.82 -2.25 16.70
C PRO A 31 -7.41 -2.06 17.28
N PRO A 32 -6.95 -0.79 17.38
CA PRO A 32 -7.66 0.43 16.99
C PRO A 32 -7.72 0.59 15.47
N LEU A 33 -8.91 0.92 14.96
CA LEU A 33 -9.13 1.06 13.52
C LEU A 33 -8.48 2.31 12.94
N VAL A 34 -8.35 3.35 13.78
CA VAL A 34 -7.56 4.53 13.43
C VAL A 34 -6.52 4.74 14.52
N TRP A 35 -5.25 4.81 14.10
CA TRP A 35 -4.14 5.01 15.03
C TRP A 35 -2.95 5.51 14.25
N GLN A 36 -1.82 5.63 14.92
CA GLN A 36 -0.57 6.02 14.27
C GLN A 36 0.27 4.78 14.01
N TYR A 37 1.19 4.90 13.07
CA TYR A 37 1.98 3.75 12.63
C TYR A 37 3.38 4.16 12.21
N ASN A 38 4.34 3.34 12.63
CA ASN A 38 5.73 3.49 12.26
C ASN A 38 6.16 2.21 11.57
N GLY A 39 6.02 2.19 10.26
CA GLY A 39 6.40 1.02 9.47
C GLY A 39 6.23 1.28 7.99
N PRO A 40 6.15 0.21 7.19
CA PRO A 40 6.07 0.33 5.74
C PRO A 40 4.83 1.09 5.26
N PRO A 41 4.91 1.71 4.08
CA PRO A 41 3.74 2.34 3.45
C PRO A 41 2.71 1.30 3.02
N TYR A 42 1.50 1.41 3.57
CA TYR A 42 0.39 0.54 3.21
C TYR A 42 -0.81 1.40 2.80
N ASP A 43 -1.72 0.82 2.03
CA ASP A 43 -2.84 1.55 1.46
C ASP A 43 -3.77 2.19 2.50
N ASP A 44 -3.92 1.56 3.66
CA ASP A 44 -4.82 2.10 4.69
C ASP A 44 -4.28 3.38 5.34
N GLN A 45 -3.09 3.80 4.90
CA GLN A 45 -2.52 5.10 5.29
C GLN A 45 -2.82 6.19 4.26
N LEU A 46 -3.52 5.82 3.19
CA LEU A 46 -3.81 6.75 2.09
C LEU A 46 -5.19 7.39 2.23
N PHE A 47 -5.22 8.71 2.06
CA PHE A 47 -6.45 9.48 2.20
C PHE A 47 -6.62 10.45 1.04
N THR A 48 -7.86 10.87 0.83
CA THR A 48 -8.16 12.04 0.00
C THR A 48 -9.06 12.96 0.82
N LEU A 49 -9.21 14.20 0.36
CA LEU A 49 -10.09 15.15 1.00
C LEU A 49 -11.39 15.34 0.25
N ILE A 50 -12.49 15.36 1.00
CA ILE A 50 -13.76 15.86 0.49
C ILE A 50 -13.84 17.31 0.91
N TYR A 51 -13.95 18.21 -0.06
CA TYR A 51 -14.01 19.64 0.21
C TYR A 51 -15.38 20.04 0.71
N GLY A 52 -15.42 20.63 1.90
CA GLY A 52 -16.66 21.10 2.46
C GLY A 52 -17.20 22.29 1.69
N THR A 53 -18.51 22.30 1.49
CA THR A 53 -19.19 23.45 0.86
C THR A 53 -20.27 23.98 1.80
N GLY A 54 -20.78 25.17 1.49
CA GLY A 54 -21.81 25.80 2.32
C GLY A 54 -21.32 26.02 3.74
N PRO A 55 -22.02 25.44 4.74
CA PRO A 55 -21.59 25.60 6.13
C PRO A 55 -20.31 24.83 6.44
N HIS A 56 -19.91 23.93 5.54
CA HIS A 56 -18.65 23.20 5.67
C HIS A 56 -17.49 23.88 4.99
N GLN A 57 -17.70 25.10 4.48
CA GLN A 57 -16.63 25.83 3.80
C GLN A 57 -15.43 26.02 4.72
N ASN A 58 -14.24 25.73 4.20
CA ASN A 58 -12.99 25.72 4.95
C ASN A 58 -12.84 24.52 5.89
N LEU A 59 -13.78 23.58 5.79
CA LEU A 59 -13.66 22.28 6.44
C LEU A 59 -13.56 21.16 5.40
N TYR A 60 -13.08 20.00 5.84
CA TYR A 60 -12.76 18.89 4.96
C TYR A 60 -13.05 17.56 5.66
N ALA A 61 -13.53 16.59 4.90
CA ALA A 61 -13.63 15.23 5.40
C ALA A 61 -12.44 14.45 4.87
N ILE A 62 -11.93 13.53 5.69
CA ILE A 62 -10.70 12.81 5.40
C ILE A 62 -11.06 11.36 5.10
N LYS A 63 -11.01 11.01 3.82
CA LYS A 63 -11.58 9.76 3.29
C LYS A 63 -10.50 8.73 2.97
N SER A 64 -10.66 7.53 3.50
CA SER A 64 -9.75 6.42 3.21
C SER A 64 -9.82 5.99 1.75
N VAL A 65 -8.65 5.88 1.12
CA VAL A 65 -8.58 5.40 -0.26
C VAL A 65 -9.07 3.95 -0.40
N PRO A 66 -8.48 2.99 0.36
CA PRO A 66 -8.92 1.60 0.19
C PRO A 66 -10.35 1.28 0.64
N ASN A 67 -10.81 1.88 1.74
CA ASN A 67 -12.10 1.47 2.31
C ASN A 67 -13.22 2.51 2.29
N GLY A 68 -12.90 3.76 1.95
CA GLY A 68 -13.91 4.79 1.73
C GLY A 68 -14.48 5.45 2.98
N ARG A 69 -14.13 4.92 4.15
CA ARG A 69 -14.60 5.50 5.42
C ARG A 69 -13.95 6.86 5.65
N VAL A 70 -14.66 7.74 6.34
CA VAL A 70 -14.11 9.04 6.73
C VAL A 70 -13.71 9.03 8.20
N LEU A 71 -12.73 9.86 8.55
CA LEU A 71 -12.30 9.99 9.94
C LEU A 71 -13.34 10.73 10.79
N PHE A 72 -13.37 10.40 12.07
CA PHE A 72 -14.07 11.23 13.04
C PHE A 72 -13.17 11.53 14.23
N SER A 73 -13.46 12.65 14.89
CA SER A 73 -12.76 13.06 16.09
C SER A 73 -13.78 13.68 17.03
N ARG A 74 -14.00 13.01 18.15
CA ARG A 74 -15.08 13.34 19.07
C ARG A 74 -14.62 13.19 20.53
N THR A 75 -15.41 13.72 21.46
CA THR A 75 -15.15 13.51 22.88
C THR A 75 -16.36 12.92 23.59
N SER A 76 -17.41 12.63 22.81
CA SER A 76 -18.67 12.10 23.35
CA SER A 76 -18.66 12.11 23.36
C SER A 76 -18.51 10.66 23.84
N ALA A 77 -17.78 9.86 23.07
CA ALA A 77 -17.57 8.44 23.41
C ALA A 77 -16.19 7.95 22.97
N SER A 78 -15.75 6.84 23.56
CA SER A 78 -14.52 6.17 23.14
C SER A 78 -14.82 5.10 22.08
N PRO A 79 -13.96 4.98 21.04
CA PRO A 79 -12.74 5.75 20.87
C PRO A 79 -13.02 7.17 20.38
N HIS A 80 -12.17 8.10 20.81
CA HIS A 80 -12.27 9.51 20.39
C HIS A 80 -12.02 9.68 18.92
N VAL A 81 -11.06 8.94 18.39
CA VAL A 81 -10.70 9.03 16.99
C VAL A 81 -10.99 7.69 16.32
N GLY A 82 -11.67 7.75 15.18
CA GLY A 82 -12.00 6.54 14.45
C GLY A 82 -12.48 6.83 13.05
N ASN A 83 -13.18 5.86 12.47
CA ASN A 83 -13.71 6.03 11.14
C ASN A 83 -15.15 5.57 11.04
N ILE A 84 -15.82 5.99 9.98
CA ILE A 84 -17.23 5.65 9.76
C ILE A 84 -17.54 5.77 8.27
N ALA A 85 -18.49 4.96 7.81
CA ALA A 85 -18.90 4.98 6.41
C ALA A 85 -19.53 6.31 6.03
N GLY A 86 -19.49 6.62 4.75
CA GLY A 86 -20.10 7.82 4.22
C GLY A 86 -19.12 8.82 3.67
N ASP A 87 -19.61 10.05 3.53
CA ASP A 87 -18.84 11.14 2.95
C ASP A 87 -18.98 12.39 3.80
N GLY A 88 -19.11 12.19 5.11
CA GLY A 88 -19.22 13.29 6.06
C GLY A 88 -20.63 13.55 6.56
N THR A 89 -21.36 12.47 6.82
CA THR A 89 -22.73 12.54 7.35
C THR A 89 -22.79 13.24 8.71
N TYR A 90 -21.76 13.02 9.53
CA TYR A 90 -21.74 13.49 10.90
C TYR A 90 -20.85 14.71 11.05
N ASN A 91 -21.23 15.60 11.96
CA ASN A 91 -20.50 16.84 12.16
C ASN A 91 -19.04 16.64 12.55
N ASP A 92 -18.78 15.59 13.34
CA ASP A 92 -17.41 15.27 13.75
C ASP A 92 -16.57 14.57 12.66
N ASN A 93 -17.11 14.50 11.44
CA ASN A 93 -16.35 14.07 10.27
C ASN A 93 -15.65 15.24 9.57
N TRP A 94 -15.84 16.46 10.11
CA TRP A 94 -15.34 17.66 9.45
C TRP A 94 -14.19 18.30 10.16
N PHE A 95 -13.14 18.59 9.40
CA PHE A 95 -11.87 19.05 9.94
C PHE A 95 -11.38 20.35 9.32
N GLN A 96 -10.76 21.17 10.14
CA GLN A 96 -10.06 22.37 9.70
C GLN A 96 -8.57 22.11 9.80
N PHE A 97 -7.81 22.57 8.80
CA PHE A 97 -6.36 22.46 8.85
C PHE A 97 -5.80 23.83 9.21
N ILE A 98 -5.35 23.96 10.44
CA ILE A 98 -4.94 25.25 10.97
C ILE A 98 -3.43 25.34 11.02
N GLN A 99 -2.89 26.27 10.23
CA GLN A 99 -1.45 26.47 10.16
C GLN A 99 -0.88 26.83 11.53
N ASP A 100 0.27 26.26 11.86
CA ASP A 100 0.96 26.64 13.09
C ASP A 100 1.51 28.06 12.95
N ASP A 101 1.42 28.83 14.01
CA ASP A 101 1.88 30.22 13.98
C ASP A 101 3.40 30.39 13.94
N ASN A 102 4.13 29.37 14.38
CA ASN A 102 5.60 29.45 14.42
C ASN A 102 6.26 28.69 13.28
N ASP A 103 5.67 27.56 12.92
CA ASP A 103 6.13 26.74 11.80
C ASP A 103 5.07 26.78 10.69
N PRO A 104 5.27 27.65 9.68
CA PRO A 104 4.26 27.79 8.62
C PRO A 104 4.10 26.54 7.75
N ASN A 105 5.00 25.59 7.91
CA ASN A 105 4.97 24.36 7.10
C ASN A 105 4.28 23.17 7.77
N SER A 106 3.65 23.40 8.92
CA SER A 106 2.85 22.36 9.53
CA SER A 106 2.89 22.38 9.62
C SER A 106 1.52 22.92 10.02
N PHE A 107 0.61 22.00 10.32
CA PHE A 107 -0.75 22.37 10.71
C PHE A 107 -1.29 21.42 11.76
N ARG A 108 -2.35 21.87 12.41
CA ARG A 108 -3.14 21.03 13.30
C ARG A 108 -4.38 20.55 12.58
N ILE A 109 -4.80 19.33 12.92
CA ILE A 109 -5.99 18.71 12.37
C ILE A 109 -7.09 18.93 13.41
N TYR A 110 -7.89 19.96 13.18
CA TYR A 110 -8.82 20.50 14.16
C TYR A 110 -10.26 20.12 13.87
N SER A 111 -10.96 19.72 14.94
CA SER A 111 -12.38 19.41 14.86
C SER A 111 -13.20 20.55 15.44
N LEU A 112 -14.01 21.19 14.61
CA LEU A 112 -14.94 22.21 15.11
C LEU A 112 -15.99 21.57 16.00
N ALA A 113 -16.41 20.36 15.65
CA ALA A 113 -17.42 19.65 16.43
C ALA A 113 -17.01 19.42 17.88
N SER A 114 -15.76 18.97 18.09
CA SER A 114 -15.31 18.58 19.41
C SER A 114 -14.28 19.52 20.04
N ASP A 115 -13.86 20.55 19.30
CA ASP A 115 -12.85 21.52 19.77
C ASP A 115 -11.55 20.81 20.18
N THR A 116 -11.17 19.81 19.40
CA THR A 116 -9.94 19.05 19.63
C THR A 116 -9.00 19.08 18.44
N VAL A 117 -7.74 18.76 18.69
CA VAL A 117 -6.76 18.51 17.63
C VAL A 117 -6.20 17.11 17.80
N LEU A 118 -5.76 16.52 16.68
CA LEU A 118 -5.11 15.21 16.73
C LEU A 118 -3.64 15.35 17.14
N TYR A 119 -3.14 14.38 17.89
CA TYR A 119 -1.74 14.39 18.29
C TYR A 119 -1.06 13.04 18.07
N SER A 120 0.26 13.08 17.96
CA SER A 120 1.09 11.90 17.81
C SER A 120 2.34 12.07 18.68
N ARG A 121 2.52 11.16 19.63
CA ARG A 121 3.66 11.20 20.53
C ARG A 121 4.14 9.78 20.82
N THR A 122 5.32 9.66 21.42
CA THR A 122 5.85 8.33 21.75
C THR A 122 5.51 7.93 23.19
N THR A 123 5.19 8.95 24.00
CA THR A 123 4.86 8.79 25.41
C THR A 123 4.20 10.08 25.90
N PRO A 124 3.28 10.00 26.89
CA PRO A 124 2.74 8.80 27.50
C PRO A 124 1.53 8.28 26.73
N ASP A 125 0.89 7.24 27.26
CA ASP A 125 -0.35 6.71 26.68
C ASP A 125 -1.55 7.58 27.04
N PRO A 126 -2.53 7.70 26.12
CA PRO A 126 -2.49 7.13 24.75
C PRO A 126 -1.54 7.92 23.85
N GLN A 127 -0.80 7.20 23.03
CA GLN A 127 0.23 7.81 22.17
C GLN A 127 -0.35 8.56 20.97
N PHE A 128 -1.58 8.24 20.61
CA PHE A 128 -2.32 8.91 19.54
C PHE A 128 -3.71 9.21 20.09
N GLY A 129 -4.30 10.32 19.66
CA GLY A 129 -5.68 10.63 20.03
C GLY A 129 -6.02 12.07 19.70
N ASN A 130 -7.02 12.60 20.38
CA ASN A 130 -7.35 14.02 20.25
C ASN A 130 -7.22 14.75 21.58
N TYR A 131 -7.20 16.07 21.54
CA TYR A 131 -6.84 16.86 22.71
C TYR A 131 -7.36 18.28 22.60
N THR A 132 -7.91 18.77 23.72
CA THR A 132 -8.29 20.17 23.87
C THR A 132 -7.34 20.83 24.86
N GLY A 133 -6.59 21.82 24.40
CA GLY A 133 -5.66 22.53 25.27
C GLY A 133 -4.60 23.26 24.51
N ALA A 134 -3.46 23.47 25.16
CA ALA A 134 -2.35 24.26 24.61
C ALA A 134 -1.78 23.67 23.32
N LYS A 135 -1.09 24.52 22.57
CA LYS A 135 -0.54 24.18 21.25
C LYS A 135 0.85 23.55 21.33
N TYR A 136 0.90 22.23 21.37
CA TYR A 136 2.16 21.49 21.47
C TYR A 136 2.64 21.00 20.11
N ASP A 137 3.96 20.79 20.00
CA ASP A 137 4.58 20.32 18.76
C ASP A 137 4.06 18.96 18.32
N ASP A 138 3.64 18.11 19.25
CA ASP A 138 3.14 16.77 18.92
C ASP A 138 1.78 16.78 18.23
N GLN A 139 1.23 17.98 18.05
CA GLN A 139 -0.03 18.18 17.34
C GLN A 139 0.19 18.59 15.89
N LEU A 140 1.45 18.65 15.46
CA LEU A 140 1.79 19.19 14.14
C LEU A 140 1.93 18.10 13.09
N TRP A 141 1.29 18.35 11.94
CA TRP A 141 1.19 17.38 10.86
C TRP A 141 1.63 17.95 9.54
N HIS A 142 1.98 17.04 8.63
CA HIS A 142 2.23 17.33 7.22
C HIS A 142 1.32 16.51 6.34
N PHE A 143 0.96 17.08 5.18
CA PHE A 143 0.41 16.29 4.07
C PHE A 143 1.58 15.75 3.27
N GLU A 144 1.51 14.47 2.93
CA GLU A 144 2.55 13.84 2.13
C GLU A 144 1.89 13.25 0.88
N LEU A 145 1.98 13.98 -0.24
CA LEU A 145 1.36 13.54 -1.48
C LEU A 145 1.95 12.22 -1.99
N VAL A 146 1.09 11.35 -2.51
CA VAL A 146 1.50 10.06 -3.04
C VAL A 146 1.06 9.93 -4.48
N VAL B 1 -8.89 26.49 21.60
CA VAL B 1 -9.88 26.17 22.66
C VAL B 1 -10.96 27.24 22.62
N ASN B 2 -12.21 26.81 22.62
CA ASN B 2 -13.33 27.75 22.64
C ASN B 2 -13.35 28.51 23.96
N PHE B 3 -13.72 29.78 23.89
CA PHE B 3 -13.83 30.57 25.10
C PHE B 3 -14.82 29.88 26.04
N PRO B 4 -14.43 29.66 27.32
CA PRO B 4 -15.28 28.87 28.20
C PRO B 4 -16.51 29.61 28.77
N ASN B 5 -16.56 30.93 28.60
CA ASN B 5 -17.67 31.72 29.13
C ASN B 5 -18.43 32.50 28.06
N ILE B 6 -19.10 31.76 27.19
CA ILE B 6 -19.89 32.35 26.12
C ILE B 6 -21.29 32.61 26.69
N PRO B 7 -21.82 33.83 26.53
CA PRO B 7 -23.13 34.16 27.10
C PRO B 7 -24.21 33.16 26.69
N ALA B 8 -25.13 32.87 27.62
CA ALA B 8 -26.26 32.00 27.36
C ALA B 8 -27.07 32.50 26.15
N GLU B 9 -27.65 31.58 25.38
CA GLU B 9 -28.40 31.99 24.21
C GLU B 9 -29.52 32.93 24.63
N GLY B 10 -29.65 34.05 23.92
CA GLY B 10 -30.67 35.04 24.24
C GLY B 10 -30.29 36.08 25.29
N ALA B 11 -29.23 35.81 26.05
CA ALA B 11 -28.70 36.81 26.99
C ALA B 11 -28.07 37.98 26.22
N GLN B 12 -28.09 39.16 26.83
CA GLN B 12 -27.62 40.37 26.16
C GLN B 12 -26.28 40.84 26.69
N PHE B 13 -25.49 41.46 25.81
CA PHE B 13 -24.13 41.86 26.14
C PHE B 13 -23.59 42.90 25.17
N ARG B 14 -22.54 43.58 25.61
CA ARG B 14 -21.69 44.37 24.73
C ARG B 14 -20.45 43.56 24.39
N LEU B 15 -19.84 43.89 23.25
CA LEU B 15 -18.55 43.33 22.87
C LEU B 15 -17.51 44.42 23.02
N ARG B 16 -16.62 44.26 24.01
CA ARG B 16 -15.63 45.28 24.32
C ARG B 16 -14.23 44.78 24.06
N ALA B 17 -13.45 45.56 23.31
CA ALA B 17 -12.08 45.21 22.99
C ALA B 17 -11.19 45.35 24.23
N ARG B 18 -10.35 44.35 24.45
CA ARG B 18 -9.51 44.31 25.64
C ARG B 18 -8.57 45.52 25.73
N ASP B 19 -7.84 45.80 24.64
CA ASP B 19 -6.81 46.83 24.67
C ASP B 19 -7.35 48.25 24.54
N THR B 20 -8.19 48.51 23.55
CA THR B 20 -8.73 49.86 23.37
C THR B 20 -9.84 50.19 24.36
N GLY B 21 -10.56 49.16 24.80
CA GLY B 21 -11.75 49.37 25.62
C GLY B 21 -12.95 49.87 24.82
N TYR B 22 -12.84 49.90 23.50
CA TYR B 22 -13.95 50.32 22.64
C TYR B 22 -14.97 49.20 22.50
N VAL B 23 -16.22 49.56 22.21
CA VAL B 23 -17.27 48.57 21.98
C VAL B 23 -17.71 48.55 20.51
N ILE B 24 -18.22 47.41 20.07
CA ILE B 24 -18.81 47.30 18.75
C ILE B 24 -20.25 47.85 18.79
N TYR B 25 -20.65 48.56 17.74
CA TYR B 25 -22.05 48.87 17.55
C TYR B 25 -22.53 48.34 16.20
N SER B 26 -23.85 48.17 16.10
CA SER B 26 -24.49 47.68 14.89
C SER B 26 -25.82 48.42 14.73
N ARG B 27 -25.87 49.31 13.76
CA ARG B 27 -27.03 50.20 13.56
C ARG B 27 -27.52 50.18 12.11
N THR B 28 -28.61 50.90 11.83
CA THR B 28 -29.26 50.84 10.52
C THR B 28 -29.11 52.12 9.68
N GLU B 29 -28.62 53.19 10.30
CA GLU B 29 -28.41 54.45 9.60
C GLU B 29 -27.02 55.02 9.91
N ASN B 30 -26.51 55.84 9.00
CA ASN B 30 -25.22 56.53 9.14
C ASN B 30 -24.00 55.60 9.11
N PRO B 31 -23.52 55.26 7.90
CA PRO B 31 -22.31 54.44 7.76
C PRO B 31 -21.10 55.07 8.46
N PRO B 32 -20.21 54.24 9.03
CA PRO B 32 -20.25 52.77 9.02
C PRO B 32 -21.32 52.21 9.96
N LEU B 33 -22.09 51.25 9.47
CA LEU B 33 -23.20 50.67 10.23
C LEU B 33 -22.72 49.75 11.35
N VAL B 34 -21.56 49.13 11.16
CA VAL B 34 -20.87 48.39 12.21
C VAL B 34 -19.47 48.96 12.34
N TRP B 35 -19.12 49.40 13.54
CA TRP B 35 -17.79 49.96 13.82
C TRP B 35 -17.52 49.87 15.29
N GLN B 36 -16.40 50.45 15.73
CA GLN B 36 -16.08 50.55 17.15
C GLN B 36 -16.45 51.93 17.68
N TYR B 37 -16.63 52.03 18.99
CA TYR B 37 -17.10 53.27 19.59
C TYR B 37 -16.53 53.47 20.98
N ASN B 38 -16.11 54.70 21.23
CA ASN B 38 -15.63 55.14 22.53
C ASN B 38 -16.55 56.25 23.01
N GLY B 39 -17.52 55.88 23.83
CA GLY B 39 -18.50 56.83 24.34
C GLY B 39 -19.56 56.17 25.20
N PRO B 40 -20.66 56.89 25.48
CA PRO B 40 -21.73 56.41 26.36
C PRO B 40 -22.38 55.12 25.86
N PRO B 41 -23.01 54.35 26.78
CA PRO B 41 -23.77 53.18 26.36
C PRO B 41 -25.01 53.55 25.56
N TYR B 42 -25.17 52.92 24.39
CA TYR B 42 -26.37 53.03 23.58
C TYR B 42 -26.86 51.63 23.22
N ASP B 43 -28.15 51.51 22.93
CA ASP B 43 -28.77 50.21 22.64
C ASP B 43 -28.20 49.49 21.42
N ASP B 44 -27.71 50.25 20.44
CA ASP B 44 -27.14 49.61 19.24
C ASP B 44 -25.78 48.93 19.50
N GLN B 45 -25.32 48.99 20.75
CA GLN B 45 -24.14 48.26 21.19
C GLN B 45 -24.50 46.91 21.83
N LEU B 46 -25.80 46.64 21.91
CA LEU B 46 -26.31 45.43 22.56
C LEU B 46 -26.51 44.29 21.58
N PHE B 47 -25.99 43.13 21.95
CA PHE B 47 -26.07 41.96 21.12
C PHE B 47 -26.57 40.76 21.89
N THR B 48 -27.05 39.77 21.15
CA THR B 48 -27.40 38.48 21.70
C THR B 48 -26.89 37.42 20.71
N LEU B 49 -26.75 36.19 21.17
CA LEU B 49 -26.25 35.13 20.31
C LEU B 49 -27.34 34.19 19.84
N ILE B 50 -27.27 33.82 18.56
CA ILE B 50 -27.99 32.66 18.07
C ILE B 50 -26.98 31.50 18.12
N TYR B 51 -27.31 30.46 18.88
CA TYR B 51 -26.40 29.32 19.00
C TYR B 51 -26.47 28.45 17.76
N GLY B 52 -25.32 28.23 17.13
CA GLY B 52 -25.25 27.39 15.95
C GLY B 52 -25.62 25.96 16.26
N THR B 53 -26.40 25.35 15.37
CA THR B 53 -26.82 23.96 15.49
C THR B 53 -26.28 23.17 14.29
N GLY B 54 -26.08 21.86 14.46
CA GLY B 54 -25.63 20.99 13.38
C GLY B 54 -24.26 21.38 12.86
N PRO B 55 -24.17 21.75 11.56
CA PRO B 55 -22.90 22.18 10.98
C PRO B 55 -22.41 23.50 11.56
N HIS B 56 -23.27 24.19 12.29
CA HIS B 56 -22.90 25.43 12.97
C HIS B 56 -22.52 25.23 14.42
N GLN B 57 -22.42 23.97 14.86
CA GLN B 57 -22.04 23.68 16.24
C GLN B 57 -20.71 24.36 16.59
N ASN B 58 -20.69 25.02 17.74
CA ASN B 58 -19.55 25.83 18.21
C ASN B 58 -19.32 27.13 17.43
N LEU B 59 -20.29 27.47 16.57
CA LEU B 59 -20.37 28.78 15.95
C LEU B 59 -21.62 29.51 16.44
N TYR B 60 -21.65 30.82 16.24
CA TYR B 60 -22.69 31.69 16.77
C TYR B 60 -22.95 32.84 15.79
N ALA B 61 -24.20 33.25 15.68
CA ALA B 61 -24.52 34.48 14.98
C ALA B 61 -24.71 35.57 16.02
N ILE B 62 -24.24 36.76 15.70
CA ILE B 62 -24.24 37.88 16.63
C ILE B 62 -25.33 38.87 16.20
N LYS B 63 -26.42 38.85 16.95
CA LYS B 63 -27.66 39.54 16.55
C LYS B 63 -27.87 40.81 17.36
N SER B 64 -28.19 41.90 16.68
CA SER B 64 -28.48 43.17 17.33
C SER B 64 -29.78 43.10 18.14
N VAL B 65 -29.74 43.61 19.36
CA VAL B 65 -30.94 43.69 20.20
C VAL B 65 -31.99 44.66 19.63
N PRO B 66 -31.62 45.93 19.38
CA PRO B 66 -32.65 46.86 18.88
C PRO B 66 -33.13 46.62 17.45
N ASN B 67 -32.24 46.23 16.55
CA ASN B 67 -32.62 46.13 15.13
C ASN B 67 -32.67 44.72 14.54
N GLY B 68 -32.15 43.74 15.26
CA GLY B 68 -32.26 42.34 14.84
C GLY B 68 -31.33 41.86 13.74
N ARG B 69 -30.58 42.78 13.13
CA ARG B 69 -29.60 42.40 12.12
C ARG B 69 -28.47 41.59 12.74
N VAL B 70 -27.89 40.69 11.95
CA VAL B 70 -26.74 39.90 12.39
C VAL B 70 -25.45 40.43 11.76
N LEU B 71 -24.33 40.24 12.45
CA LEU B 71 -23.04 40.67 11.96
C LEU B 71 -22.55 39.79 10.81
N PHE B 72 -21.75 40.37 9.94
CA PHE B 72 -20.97 39.59 8.99
C PHE B 72 -19.51 40.01 9.03
N SER B 73 -18.64 39.07 8.68
CA SER B 73 -17.22 39.33 8.54
C SER B 73 -16.72 38.57 7.32
N ARG B 74 -16.32 39.32 6.31
CA ARG B 74 -16.00 38.75 4.99
C ARG B 74 -14.80 39.43 4.39
N THR B 75 -14.29 38.85 3.31
CA THR B 75 -13.23 39.48 2.53
C THR B 75 -13.65 39.60 1.06
N SER B 76 -14.90 39.23 0.78
CA SER B 76 -15.42 39.15 -0.59
CA SER B 76 -15.43 39.14 -0.59
C SER B 76 -15.91 40.48 -1.14
N ALA B 77 -16.24 41.41 -0.25
CA ALA B 77 -16.76 42.72 -0.64
C ALA B 77 -16.55 43.76 0.47
N SER B 78 -16.68 45.04 0.10
CA SER B 78 -16.62 46.14 1.06
C SER B 78 -18.02 46.59 1.47
N PRO B 79 -18.24 46.86 2.77
CA PRO B 79 -17.27 46.73 3.86
C PRO B 79 -17.04 45.28 4.28
N HIS B 80 -15.88 45.00 4.86
CA HIS B 80 -15.55 43.67 5.36
C HIS B 80 -16.42 43.26 6.52
N VAL B 81 -16.69 44.22 7.41
CA VAL B 81 -17.49 43.95 8.60
C VAL B 81 -18.75 44.81 8.52
N GLY B 82 -19.90 44.18 8.74
CA GLY B 82 -21.16 44.90 8.68
C GLY B 82 -22.32 44.11 9.26
N ASN B 83 -23.53 44.50 8.90
CA ASN B 83 -24.71 43.79 9.35
C ASN B 83 -25.68 43.47 8.21
N ILE B 84 -26.61 42.56 8.47
CA ILE B 84 -27.61 42.14 7.49
C ILE B 84 -28.75 41.40 8.20
N ALA B 85 -29.94 41.42 7.61
CA ALA B 85 -31.07 40.64 8.13
C ALA B 85 -30.91 39.15 7.83
N GLY B 86 -31.76 38.31 8.43
CA GLY B 86 -31.84 36.90 8.05
C GLY B 86 -31.41 35.83 9.04
N ASP B 87 -31.06 36.23 10.26
CA ASP B 87 -30.72 35.30 11.36
C ASP B 87 -29.67 34.23 11.02
N GLY B 88 -28.68 34.61 10.21
CA GLY B 88 -27.57 33.70 9.87
C GLY B 88 -27.75 32.92 8.58
N THR B 89 -28.36 33.57 7.59
CA THR B 89 -28.58 33.00 6.26
C THR B 89 -27.27 32.74 5.53
N TYR B 90 -26.28 33.60 5.76
CA TYR B 90 -25.00 33.54 5.06
C TYR B 90 -23.93 32.93 5.94
N ASN B 91 -23.00 32.21 5.31
CA ASN B 91 -21.91 31.55 6.03
C ASN B 91 -21.07 32.53 6.86
N ASP B 92 -20.88 33.74 6.33
CA ASP B 92 -20.09 34.76 7.00
C ASP B 92 -20.83 35.48 8.15
N ASN B 93 -22.00 34.95 8.50
CA ASN B 93 -22.73 35.39 9.70
C ASN B 93 -22.37 34.55 10.92
N TRP B 94 -21.46 33.59 10.76
CA TRP B 94 -21.17 32.61 11.82
C TRP B 94 -19.80 32.76 12.38
N PHE B 95 -19.72 32.79 13.71
CA PHE B 95 -18.50 33.14 14.42
C PHE B 95 -18.13 32.12 15.49
N GLN B 96 -16.82 31.89 15.61
CA GLN B 96 -16.26 31.07 16.67
C GLN B 96 -15.60 32.01 17.66
N PHE B 97 -15.78 31.73 18.96
CA PHE B 97 -15.11 32.51 19.99
C PHE B 97 -13.95 31.70 20.52
N ILE B 98 -12.75 32.08 20.12
CA ILE B 98 -11.56 31.29 20.39
C ILE B 98 -10.73 31.95 21.50
N GLN B 99 -10.60 31.25 22.62
CA GLN B 99 -9.84 31.73 23.76
C GLN B 99 -8.39 32.00 23.37
N ASP B 100 -7.84 33.11 23.85
CA ASP B 100 -6.41 33.37 23.66
C ASP B 100 -5.60 32.35 24.45
N ASP B 101 -4.48 31.93 23.89
CA ASP B 101 -3.66 30.90 24.53
C ASP B 101 -2.77 31.42 25.66
N ASN B 102 -2.69 32.73 25.81
CA ASN B 102 -1.89 33.33 26.88
C ASN B 102 -2.73 34.09 27.89
N ASP B 103 -3.76 34.78 27.42
CA ASP B 103 -4.72 35.45 28.27
C ASP B 103 -6.04 34.68 28.26
N PRO B 104 -6.28 33.87 29.32
CA PRO B 104 -7.48 33.04 29.31
C PRO B 104 -8.79 33.83 29.42
N ASN B 105 -8.68 35.12 29.72
CA ASN B 105 -9.86 35.96 29.93
C ASN B 105 -10.33 36.72 28.69
N SER B 106 -9.69 36.48 27.56
CA SER B 106 -10.13 37.09 26.31
CA SER B 106 -10.05 37.11 26.29
C SER B 106 -10.18 36.09 25.17
N PHE B 107 -10.83 36.50 24.10
CA PHE B 107 -11.06 35.63 22.95
C PHE B 107 -11.00 36.41 21.66
N ARG B 108 -10.79 35.67 20.58
CA ARG B 108 -10.92 36.22 19.23
C ARG B 108 -12.29 35.92 18.66
N ILE B 109 -12.80 36.85 17.86
CA ILE B 109 -14.06 36.70 17.15
C ILE B 109 -13.72 36.26 15.73
N TYR B 110 -13.78 34.95 15.53
CA TYR B 110 -13.24 34.30 14.34
C TYR B 110 -14.32 33.87 13.35
N SER B 111 -14.08 34.17 12.07
CA SER B 111 -14.98 33.77 10.99
C SER B 111 -14.39 32.56 10.27
N LEU B 112 -15.10 31.43 10.35
CA LEU B 112 -14.72 30.25 9.56
C LEU B 112 -14.87 30.52 8.06
N ALA B 113 -15.87 31.31 7.69
CA ALA B 113 -16.13 31.61 6.28
C ALA B 113 -14.98 32.38 5.63
N SER B 114 -14.47 33.39 6.34
CA SER B 114 -13.44 34.26 5.77
C SER B 114 -12.04 34.03 6.34
N ASP B 115 -11.92 33.17 7.34
CA ASP B 115 -10.65 32.90 8.03
C ASP B 115 -10.03 34.19 8.59
N THR B 116 -10.89 35.05 9.15
CA THR B 116 -10.45 36.33 9.71
C THR B 116 -10.85 36.44 11.18
N VAL B 117 -10.21 37.38 11.88
CA VAL B 117 -10.62 37.78 13.23
C VAL B 117 -10.90 39.27 13.23
N LEU B 118 -11.79 39.72 14.12
CA LEU B 118 -12.05 41.15 14.28
C LEU B 118 -10.97 41.80 15.12
N TYR B 119 -10.61 43.02 14.78
CA TYR B 119 -9.63 43.76 15.56
C TYR B 119 -10.11 45.17 15.88
N SER B 120 -9.54 45.74 16.92
CA SER B 120 -9.81 47.11 17.36
C SER B 120 -8.50 47.78 17.74
N ARG B 121 -8.19 48.90 17.09
CA ARG B 121 -6.99 49.66 17.41
C ARG B 121 -7.25 51.15 17.26
N THR B 122 -6.34 51.97 17.79
CA THR B 122 -6.47 53.42 17.66
C THR B 122 -5.86 53.92 16.35
N THR B 123 -4.91 53.14 15.84
CA THR B 123 -4.14 53.47 14.64
C THR B 123 -3.36 52.21 14.27
N PRO B 124 -3.02 52.04 12.97
CA PRO B 124 -3.37 52.85 11.80
C PRO B 124 -4.78 52.57 11.31
N ASP B 125 -5.21 53.33 10.30
CA ASP B 125 -6.49 53.09 9.64
C ASP B 125 -6.38 51.84 8.76
N PRO B 126 -7.48 51.08 8.61
CA PRO B 126 -8.75 51.22 9.31
C PRO B 126 -8.61 50.78 10.77
N GLN B 127 -9.24 51.54 11.66
CA GLN B 127 -9.09 51.30 13.10
C GLN B 127 -9.87 50.08 13.60
N PHE B 128 -10.90 49.69 12.85
CA PHE B 128 -11.70 48.51 13.16
C PHE B 128 -11.84 47.72 11.86
N GLY B 129 -11.89 46.41 11.95
CA GLY B 129 -12.10 45.58 10.76
C GLY B 129 -11.78 44.12 11.03
N ASN B 130 -11.48 43.37 9.97
CA ASN B 130 -11.07 41.99 10.12
C ASN B 130 -9.67 41.76 9.55
N TYR B 131 -9.08 40.61 9.87
CA TYR B 131 -7.69 40.37 9.57
C TYR B 131 -7.37 38.88 9.55
N THR B 132 -6.60 38.45 8.56
CA THR B 132 -6.07 37.09 8.48
C THR B 132 -4.56 37.16 8.64
N GLY B 133 -4.04 36.54 9.69
CA GLY B 133 -2.60 36.47 9.90
C GLY B 133 -2.24 36.18 11.34
N ALA B 134 -1.08 36.69 11.75
CA ALA B 134 -0.53 36.42 13.08
C ALA B 134 -1.44 36.93 14.20
N LYS B 135 -1.21 36.39 15.39
CA LYS B 135 -1.92 36.81 16.58
C LYS B 135 -1.38 38.14 17.09
N TYR B 136 -2.29 39.10 17.25
CA TYR B 136 -1.99 40.39 17.86
C TYR B 136 -3.01 40.67 18.94
N ASP B 137 -2.60 41.41 19.96
CA ASP B 137 -3.46 41.70 21.10
C ASP B 137 -4.68 42.53 20.77
N ASP B 138 -4.62 43.28 19.66
CA ASP B 138 -5.77 44.11 19.25
C ASP B 138 -6.93 43.28 18.69
N GLN B 139 -6.73 41.97 18.65
CA GLN B 139 -7.77 41.02 18.21
C GLN B 139 -8.53 40.40 19.38
N LEU B 140 -8.25 40.92 20.56
CA LEU B 140 -8.80 40.28 21.74
C LEU B 140 -10.01 41.02 22.31
N TRP B 141 -11.05 40.28 22.71
CA TRP B 141 -12.36 40.81 23.11
C TRP B 141 -12.85 40.24 24.40
N HIS B 142 -13.78 40.97 25.01
CA HIS B 142 -14.53 40.54 26.19
C HIS B 142 -16.01 40.58 25.91
N PHE B 143 -16.76 39.66 26.52
CA PHE B 143 -18.20 39.76 26.62
C PHE B 143 -18.53 40.58 27.87
N GLU B 144 -19.36 41.60 27.71
CA GLU B 144 -19.77 42.44 28.83
C GLU B 144 -21.28 42.29 28.99
N LEU B 145 -21.67 41.40 29.90
CA LEU B 145 -23.08 41.10 30.14
C LEU B 145 -23.83 42.30 30.67
N VAL B 146 -25.06 42.48 30.22
CA VAL B 146 -25.93 43.53 30.74
C VAL B 146 -27.12 42.91 31.48
N VAL C 1 19.66 -24.45 -10.77
CA VAL C 1 19.76 -24.40 -9.28
C VAL C 1 18.66 -23.50 -8.76
N ASN C 2 17.91 -23.97 -7.77
CA ASN C 2 16.90 -23.14 -7.14
C ASN C 2 17.52 -21.95 -6.42
N PHE C 3 16.88 -20.80 -6.53
CA PHE C 3 17.34 -19.60 -5.81
C PHE C 3 17.46 -19.91 -4.33
N PRO C 4 18.64 -19.62 -3.72
CA PRO C 4 18.88 -20.02 -2.34
C PRO C 4 18.24 -19.13 -1.28
N ASN C 5 17.73 -17.96 -1.67
CA ASN C 5 17.12 -17.02 -0.72
C ASN C 5 15.64 -16.78 -0.99
N ILE C 6 14.85 -17.84 -0.89
CA ILE C 6 13.41 -17.74 -1.11
C ILE C 6 12.76 -17.36 0.22
N PRO C 7 11.90 -16.31 0.23
CA PRO C 7 11.28 -15.87 1.48
C PRO C 7 10.58 -17.01 2.21
N ALA C 8 10.63 -16.96 3.54
CA ALA C 8 9.94 -17.93 4.38
C ALA C 8 8.46 -17.91 4.05
N GLU C 9 7.82 -19.06 4.17
CA GLU C 9 6.38 -19.15 3.92
C GLU C 9 5.67 -18.14 4.80
N GLY C 10 4.82 -17.33 4.18
CA GLY C 10 4.05 -16.32 4.90
C GLY C 10 4.70 -14.94 4.99
N ALA C 11 5.99 -14.84 4.71
CA ALA C 11 6.68 -13.55 4.69
C ALA C 11 6.29 -12.73 3.46
N GLN C 12 6.06 -11.44 3.67
CA GLN C 12 5.59 -10.55 2.60
C GLN C 12 6.73 -9.91 1.83
N PHE C 13 6.54 -9.74 0.53
CA PHE C 13 7.57 -9.17 -0.33
C PHE C 13 6.97 -8.56 -1.59
N ARG C 14 7.76 -7.69 -2.21
CA ARG C 14 7.55 -7.29 -3.60
C ARG C 14 8.46 -8.12 -4.50
N LEU C 15 8.05 -8.24 -5.76
CA LEU C 15 8.88 -8.83 -6.80
C LEU C 15 9.34 -7.71 -7.71
N ARG C 16 10.64 -7.42 -7.66
CA ARG C 16 11.19 -6.30 -8.42
C ARG C 16 12.15 -6.80 -9.49
N ALA C 17 11.97 -6.32 -10.71
CA ALA C 17 12.84 -6.71 -11.81
C ALA C 17 14.22 -6.07 -11.61
N ARG C 18 15.27 -6.86 -11.79
CA ARG C 18 16.63 -6.38 -11.57
C ARG C 18 16.97 -5.14 -12.41
N ASP C 19 16.66 -5.19 -13.71
CA ASP C 19 17.09 -4.14 -14.62
C ASP C 19 16.12 -2.95 -14.73
N THR C 20 14.83 -3.20 -14.96
CA THR C 20 13.89 -2.08 -15.04
C THR C 20 13.66 -1.45 -13.68
N GLY C 21 13.74 -2.27 -12.63
CA GLY C 21 13.38 -1.82 -11.28
C GLY C 21 11.87 -1.75 -11.06
N TYR C 22 11.09 -2.24 -12.04
CA TYR C 22 9.64 -2.24 -11.91
C TYR C 22 9.21 -3.39 -11.02
N VAL C 23 8.03 -3.26 -10.41
CA VAL C 23 7.48 -4.33 -9.58
C VAL C 23 6.25 -4.94 -10.20
N ILE C 24 5.96 -6.19 -9.84
CA ILE C 24 4.73 -6.85 -10.26
C ILE C 24 3.59 -6.39 -9.35
N TYR C 25 2.42 -6.17 -9.93
CA TYR C 25 1.21 -6.02 -9.15
C TYR C 25 0.19 -7.07 -9.57
N SER C 26 -0.74 -7.37 -8.66
CA SER C 26 -1.80 -8.33 -8.89
C SER C 26 -3.05 -7.76 -8.26
N ARG C 27 -3.99 -7.31 -9.10
CA ARG C 27 -5.17 -6.60 -8.61
C ARG C 27 -6.46 -7.19 -9.21
N THR C 28 -7.61 -6.64 -8.81
CA THR C 28 -8.89 -7.21 -9.21
C THR C 28 -9.69 -6.33 -10.17
N GLU C 29 -9.24 -5.10 -10.39
CA GLU C 29 -9.92 -4.17 -11.28
C GLU C 29 -8.95 -3.47 -12.22
N ASN C 30 -9.46 -3.04 -13.38
CA ASN C 30 -8.72 -2.29 -14.39
C ASN C 30 -7.59 -3.11 -15.04
N PRO C 31 -7.94 -3.84 -16.13
CA PRO C 31 -6.95 -4.63 -16.85
C PRO C 31 -5.83 -3.75 -17.41
N PRO C 32 -4.59 -4.27 -17.44
CA PRO C 32 -4.16 -5.61 -17.04
C PRO C 32 -4.15 -5.83 -15.53
N LEU C 33 -4.72 -6.95 -15.09
CA LEU C 33 -4.83 -7.24 -13.66
C LEU C 33 -3.50 -7.66 -13.02
N VAL C 34 -2.63 -8.26 -13.82
CA VAL C 34 -1.25 -8.51 -13.42
C VAL C 34 -0.35 -7.85 -14.45
N TRP C 35 0.54 -6.97 -13.98
CA TRP C 35 1.45 -6.25 -14.86
C TRP C 35 2.60 -5.72 -14.06
N GLN C 36 3.47 -4.95 -14.70
CA GLN C 36 4.58 -4.29 -14.03
C GLN C 36 4.22 -2.84 -13.76
N TYR C 37 4.91 -2.23 -12.80
CA TYR C 37 4.58 -0.88 -12.36
C TYR C 37 5.81 -0.14 -11.87
N ASN C 38 5.89 1.12 -12.28
CA ASN C 38 6.91 2.05 -11.85
C ASN C 38 6.18 3.19 -11.16
N GLY C 39 6.08 3.11 -9.84
CA GLY C 39 5.39 4.13 -9.07
C GLY C 39 5.45 3.81 -7.60
N PRO C 40 4.58 4.47 -6.80
CA PRO C 40 4.59 4.29 -5.35
C PRO C 40 4.29 2.86 -4.90
N PRO C 41 4.77 2.49 -3.69
CA PRO C 41 4.42 1.20 -3.10
C PRO C 41 2.93 1.13 -2.73
N TYR C 42 2.24 0.16 -3.31
CA TYR C 42 0.83 -0.10 -3.00
C TYR C 42 0.66 -1.56 -2.62
N ASP C 43 -0.43 -1.86 -1.90
CA ASP C 43 -0.67 -3.19 -1.36
C ASP C 43 -0.75 -4.29 -2.42
N ASP C 44 -1.30 -3.96 -3.59
CA ASP C 44 -1.44 -4.98 -4.65
C ASP C 44 -0.10 -5.44 -5.26
N GLN C 45 0.99 -4.85 -4.79
CA GLN C 45 2.35 -5.28 -5.13
C GLN C 45 2.92 -6.24 -4.10
N LEU C 46 2.15 -6.52 -3.04
CA LEU C 46 2.61 -7.37 -1.95
C LEU C 46 2.17 -8.82 -2.13
N PHE C 47 3.13 -9.73 -1.96
CA PHE C 47 2.88 -11.15 -2.11
C PHE C 47 3.43 -11.95 -0.94
N THR C 48 2.89 -13.14 -0.76
CA THR C 48 3.53 -14.17 0.05
C THR C 48 3.62 -15.44 -0.79
N LEU C 49 4.39 -16.42 -0.32
CA LEU C 49 4.50 -17.71 -0.99
C LEU C 49 3.75 -18.81 -0.27
N ILE C 50 3.03 -19.60 -1.03
CA ILE C 50 2.55 -20.90 -0.57
C ILE C 50 3.58 -21.92 -1.01
N TYR C 51 4.14 -22.64 -0.05
CA TYR C 51 5.18 -23.62 -0.34
C TYR C 51 4.57 -24.89 -0.88
N GLY C 52 5.00 -25.31 -2.07
CA GLY C 52 4.52 -26.56 -2.64
C GLY C 52 5.04 -27.76 -1.87
N THR C 53 4.18 -28.77 -1.73
CA THR C 53 4.55 -30.03 -1.11
C THR C 53 4.23 -31.17 -2.07
N GLY C 54 4.72 -32.37 -1.78
CA GLY C 54 4.49 -33.52 -2.66
C GLY C 54 5.01 -33.24 -4.06
N PRO C 55 4.14 -33.39 -5.07
CA PRO C 55 4.59 -33.15 -6.45
C PRO C 55 4.88 -31.67 -6.74
N HIS C 56 4.48 -30.79 -5.81
CA HIS C 56 4.79 -29.37 -5.91
C HIS C 56 6.06 -28.98 -5.20
N GLN C 57 6.80 -29.96 -4.66
CA GLN C 57 8.05 -29.66 -3.96
C GLN C 57 9.00 -28.87 -4.86
N ASN C 58 9.58 -27.81 -4.30
CA ASN C 58 10.43 -26.86 -5.02
C ASN C 58 9.67 -25.93 -5.97
N LEU C 59 8.34 -25.98 -5.88
CA LEU C 59 7.48 -25.00 -6.54
C LEU C 59 6.69 -24.21 -5.51
N TYR C 60 6.17 -23.06 -5.95
CA TYR C 60 5.52 -22.10 -5.04
C TYR C 60 4.38 -21.42 -5.77
N ALA C 61 3.33 -21.13 -5.02
CA ALA C 61 2.27 -20.26 -5.51
C ALA C 61 2.51 -18.86 -4.96
N ILE C 62 2.23 -17.85 -5.78
CA ILE C 62 2.55 -16.47 -5.44
C ILE C 62 1.24 -15.75 -5.17
N LYS C 63 0.99 -15.49 -3.88
CA LYS C 63 -0.33 -15.09 -3.40
C LYS C 63 -0.38 -13.61 -3.01
N SER C 64 -1.36 -12.90 -3.56
CA SER C 64 -1.58 -11.49 -3.24
C SER C 64 -1.98 -11.29 -1.79
N VAL C 65 -1.30 -10.38 -1.11
CA VAL C 65 -1.66 -10.02 0.26
C VAL C 65 -3.07 -9.41 0.37
N PRO C 66 -3.38 -8.34 -0.40
CA PRO C 66 -4.70 -7.71 -0.22
C PRO C 66 -5.88 -8.53 -0.74
N ASN C 67 -5.73 -9.25 -1.85
CA ASN C 67 -6.88 -9.92 -2.46
C ASN C 67 -6.86 -11.46 -2.44
N GLY C 68 -5.73 -12.04 -2.08
CA GLY C 68 -5.63 -13.50 -1.91
C GLY C 68 -5.49 -14.31 -3.17
N ARG C 69 -5.59 -13.68 -4.33
CA ARG C 69 -5.44 -14.40 -5.59
C ARG C 69 -3.99 -14.83 -5.79
N VAL C 70 -3.80 -15.96 -6.44
CA VAL C 70 -2.46 -16.42 -6.83
C VAL C 70 -2.22 -16.15 -8.30
N LEU C 71 -0.96 -15.99 -8.67
CA LEU C 71 -0.59 -15.77 -10.06
C LEU C 71 -0.78 -17.03 -10.90
N PHE C 72 -1.07 -16.83 -12.18
CA PHE C 72 -0.93 -17.89 -13.16
C PHE C 72 -0.11 -17.42 -14.34
N SER C 73 0.51 -18.38 -15.02
CA SER C 73 1.32 -18.12 -16.19
C SER C 73 1.07 -19.23 -17.21
N ARG C 74 0.47 -18.86 -18.34
CA ARG C 74 0.01 -19.81 -19.35
C ARG C 74 0.35 -19.29 -20.76
N THR C 75 0.23 -20.16 -21.76
CA THR C 75 0.39 -19.74 -23.15
C THR C 75 -0.83 -20.05 -24.02
N SER C 76 -1.84 -20.68 -23.40
CA SER C 76 -3.01 -21.16 -24.11
CA SER C 76 -3.01 -21.16 -24.12
C SER C 76 -4.02 -20.06 -24.48
N ALA C 77 -3.99 -18.96 -23.72
CA ALA C 77 -4.92 -17.85 -23.91
C ALA C 77 -4.38 -16.55 -23.34
N SER C 78 -4.96 -15.43 -23.79
CA SER C 78 -4.65 -14.10 -23.26
C SER C 78 -5.65 -13.70 -22.18
N PRO C 79 -5.18 -13.07 -21.09
CA PRO C 79 -3.77 -12.73 -20.83
C PRO C 79 -2.94 -13.94 -20.42
N HIS C 80 -1.67 -13.97 -20.82
CA HIS C 80 -0.77 -15.04 -20.43
C HIS C 80 -0.52 -15.08 -18.96
N VAL C 81 -0.41 -13.90 -18.36
CA VAL C 81 -0.14 -13.78 -16.94
C VAL C 81 -1.35 -13.13 -16.29
N GLY C 82 -1.83 -13.76 -15.23
CA GLY C 82 -3.01 -13.25 -14.54
C GLY C 82 -3.10 -13.78 -13.13
N ASN C 83 -4.28 -13.67 -12.55
CA ASN C 83 -4.51 -14.13 -11.19
C ASN C 83 -5.83 -14.87 -11.03
N ILE C 84 -5.92 -15.68 -9.98
CA ILE C 84 -7.11 -16.48 -9.71
C ILE C 84 -7.12 -16.84 -8.24
N ALA C 85 -8.33 -16.93 -7.67
CA ALA C 85 -8.48 -17.30 -6.28
C ALA C 85 -8.02 -18.73 -6.01
N GLY C 86 -7.90 -19.04 -4.73
CA GLY C 86 -7.42 -20.31 -4.28
C GLY C 86 -6.00 -20.21 -3.78
N ASP C 87 -5.43 -21.37 -3.52
CA ASP C 87 -4.09 -21.47 -2.97
C ASP C 87 -3.25 -22.36 -3.86
N GLY C 88 -3.48 -22.24 -5.17
CA GLY C 88 -2.77 -23.06 -6.15
C GLY C 88 -3.54 -24.28 -6.59
N THR C 89 -4.84 -24.10 -6.84
CA THR C 89 -5.72 -25.18 -7.29
C THR C 89 -5.33 -25.68 -8.69
N TYR C 90 -4.75 -24.80 -9.50
CA TYR C 90 -4.46 -25.11 -10.90
C TYR C 90 -2.97 -25.22 -11.14
N ASN C 91 -2.60 -26.08 -12.09
CA ASN C 91 -1.20 -26.39 -12.33
C ASN C 91 -0.37 -25.17 -12.71
N ASP C 92 -0.98 -24.25 -13.45
CA ASP C 92 -0.28 -23.04 -13.88
C ASP C 92 -0.17 -21.95 -12.80
N ASN C 93 -0.54 -22.30 -11.58
CA ASN C 93 -0.32 -21.46 -10.40
C ASN C 93 1.03 -21.73 -9.72
N TRP C 94 1.79 -22.68 -10.26
CA TRP C 94 3.01 -23.14 -9.58
C TRP C 94 4.26 -22.69 -10.26
N PHE C 95 5.17 -22.12 -9.46
CA PHE C 95 6.37 -21.48 -9.99
C PHE C 95 7.64 -21.99 -9.34
N GLN C 96 8.70 -22.06 -10.14
CA GLN C 96 10.03 -22.38 -9.67
C GLN C 96 10.86 -21.10 -9.73
N PHE C 97 11.68 -20.88 -8.71
CA PHE C 97 12.58 -19.74 -8.72
C PHE C 97 13.97 -20.24 -9.03
N ILE C 98 14.41 -19.99 -10.27
CA ILE C 98 15.64 -20.55 -10.79
C ILE C 98 16.74 -19.50 -10.82
N GLN C 99 17.76 -19.73 -10.00
CA GLN C 99 18.89 -18.82 -9.89
C GLN C 99 19.56 -18.61 -11.26
N ASP C 100 19.91 -17.38 -11.56
CA ASP C 100 20.68 -17.10 -12.77
C ASP C 100 22.08 -17.66 -12.61
N ASP C 101 22.63 -18.20 -13.70
CA ASP C 101 23.96 -18.80 -13.64
C ASP C 101 25.11 -17.80 -13.57
N ASN C 102 24.88 -16.58 -14.06
CA ASN C 102 25.91 -15.54 -14.06
C ASN C 102 25.77 -14.57 -12.89
N ASP C 103 24.52 -14.28 -12.52
CA ASP C 103 24.22 -13.40 -11.39
C ASP C 103 23.52 -14.19 -10.30
N PRO C 104 24.28 -14.67 -9.30
CA PRO C 104 23.69 -15.52 -8.25
C PRO C 104 22.66 -14.79 -7.38
N ASN C 105 22.58 -13.47 -7.54
CA ASN C 105 21.64 -12.68 -6.74
C ASN C 105 20.31 -12.38 -7.41
N SER C 106 20.07 -12.99 -8.57
CA SER C 106 18.82 -12.87 -9.30
CA SER C 106 18.78 -12.87 -9.21
C SER C 106 18.29 -14.23 -9.71
N PHE C 107 17.00 -14.29 -10.04
CA PHE C 107 16.36 -15.53 -10.43
C PHE C 107 15.32 -15.29 -11.51
N ARG C 108 14.95 -16.37 -12.18
CA ARG C 108 13.81 -16.34 -13.07
C ARG C 108 12.59 -16.95 -12.38
N ILE C 109 11.42 -16.42 -12.74
CA ILE C 109 10.15 -16.93 -12.24
C ILE C 109 9.59 -17.86 -13.31
N TYR C 110 9.79 -19.16 -13.08
CA TYR C 110 9.57 -20.17 -14.09
C TYR C 110 8.31 -20.97 -13.85
N SER C 111 7.55 -21.18 -14.93
CA SER C 111 6.35 -22.00 -14.90
C SER C 111 6.63 -23.35 -15.52
N LEU C 112 6.55 -24.42 -14.72
CA LEU C 112 6.70 -25.76 -15.24
C LEU C 112 5.52 -26.13 -16.16
N ALA C 113 4.34 -25.65 -15.82
CA ALA C 113 3.14 -25.90 -16.62
C ALA C 113 3.28 -25.39 -18.05
N SER C 114 3.81 -24.18 -18.21
CA SER C 114 3.86 -23.52 -19.52
C SER C 114 5.26 -23.41 -20.12
N ASP C 115 6.28 -23.82 -19.37
CA ASP C 115 7.69 -23.72 -19.80
C ASP C 115 8.07 -22.28 -20.18
N THR C 116 7.61 -21.33 -19.36
CA THR C 116 7.88 -19.91 -19.60
C THR C 116 8.49 -19.27 -18.36
N VAL C 117 9.15 -18.13 -18.58
CA VAL C 117 9.59 -17.26 -17.50
C VAL C 117 8.95 -15.88 -17.65
N LEU C 118 8.86 -15.20 -16.45
CA LEU C 118 8.26 -13.87 -16.57
C LEU C 118 9.30 -12.86 -17.03
N TYR C 119 8.98 -11.77 -17.67
CA TYR C 119 9.94 -10.74 -18.04
C TYR C 119 9.41 -9.33 -17.82
N SER C 120 10.34 -8.40 -17.68
CA SER C 120 10.04 -6.99 -17.51
C SER C 120 11.01 -6.19 -18.36
N ARG C 121 10.48 -5.43 -19.32
CA ARG C 121 11.30 -4.59 -20.18
C ARG C 121 10.56 -3.27 -20.46
N THR C 122 11.29 -2.28 -20.99
CA THR C 122 10.68 -0.99 -21.33
C THR C 122 10.16 -0.96 -22.77
N THR C 123 10.68 -1.88 -23.59
CA THR C 123 10.37 -1.97 -25.01
C THR C 123 10.89 -3.32 -25.53
N PRO C 124 10.24 -3.91 -26.56
CA PRO C 124 8.97 -3.50 -27.17
C PRO C 124 7.78 -4.06 -26.42
N ASP C 125 6.58 -3.79 -26.93
CA ASP C 125 5.35 -4.38 -26.40
C ASP C 125 5.25 -5.87 -26.77
N PRO C 126 4.67 -6.68 -25.87
CA PRO C 126 4.21 -6.31 -24.53
C PRO C 126 5.39 -6.15 -23.58
N GLN C 127 5.37 -5.11 -22.76
CA GLN C 127 6.50 -4.78 -21.88
C GLN C 127 6.65 -5.73 -20.69
N PHE C 128 5.55 -6.41 -20.34
CA PHE C 128 5.55 -7.44 -19.31
C PHE C 128 4.84 -8.66 -19.89
N GLY C 129 5.29 -9.84 -19.50
CA GLY C 129 4.61 -11.07 -19.91
C GLY C 129 5.42 -12.29 -19.57
N ASN C 130 5.14 -13.39 -20.28
CA ASN C 130 5.93 -14.59 -20.16
C ASN C 130 6.57 -14.96 -21.49
N TYR C 131 7.54 -15.87 -21.45
CA TYR C 131 8.41 -16.11 -22.59
C TYR C 131 9.10 -17.47 -22.48
N THR C 132 9.13 -18.17 -23.61
CA THR C 132 9.88 -19.40 -23.78
C THR C 132 11.04 -19.13 -24.74
N GLY C 133 12.27 -19.25 -24.26
CA GLY C 133 13.45 -19.04 -25.10
C GLY C 133 14.69 -18.74 -24.29
N ALA C 134 15.63 -18.05 -24.93
CA ALA C 134 16.94 -17.79 -24.35
C ALA C 134 16.89 -16.97 -23.06
N LYS C 135 17.96 -17.04 -22.28
CA LYS C 135 18.05 -16.42 -20.96
C LYS C 135 18.53 -14.96 -21.02
N TYR C 136 17.57 -14.04 -21.08
CA TYR C 136 17.89 -12.63 -21.18
C TYR C 136 17.82 -11.94 -19.82
N ASP C 137 18.53 -10.82 -19.69
CA ASP C 137 18.61 -10.08 -18.43
C ASP C 137 17.26 -9.54 -17.97
N ASP C 138 16.35 -9.30 -18.91
CA ASP C 138 15.03 -8.74 -18.57
C ASP C 138 14.10 -9.77 -17.92
N GLN C 139 14.60 -11.01 -17.75
CA GLN C 139 13.86 -12.07 -17.06
C GLN C 139 14.30 -12.23 -15.61
N LEU C 140 15.14 -11.32 -15.16
CA LEU C 140 15.76 -11.50 -13.86
C LEU C 140 15.07 -10.66 -12.78
N TRP C 141 14.81 -11.31 -11.65
CA TRP C 141 14.02 -10.74 -10.55
C TRP C 141 14.72 -10.81 -9.22
N HIS C 142 14.26 -9.95 -8.30
CA HIS C 142 14.64 -9.99 -6.89
C HIS C 142 13.41 -10.11 -6.03
N PHE C 143 13.56 -10.77 -4.89
CA PHE C 143 12.59 -10.67 -3.79
C PHE C 143 12.95 -9.44 -2.96
N GLU C 144 11.94 -8.66 -2.58
CA GLU C 144 12.16 -7.48 -1.75
C GLU C 144 11.25 -7.57 -0.53
N LEU C 145 11.79 -8.04 0.59
CA LEU C 145 11.01 -8.20 1.81
C LEU C 145 10.45 -6.88 2.30
N VAL C 146 9.21 -6.92 2.78
CA VAL C 146 8.52 -5.74 3.32
C VAL C 146 8.11 -6.01 4.77
N VAL D 1 14.12 -24.06 -21.48
CA VAL D 1 13.24 -24.59 -22.57
C VAL D 1 13.30 -26.10 -22.55
N ASN D 2 12.14 -26.74 -22.56
CA ASN D 2 12.07 -28.19 -22.65
C ASN D 2 12.68 -28.68 -23.96
N PHE D 3 13.39 -29.80 -23.90
CA PHE D 3 13.94 -30.41 -25.10
C PHE D 3 12.79 -30.68 -26.08
N PRO D 4 12.92 -30.20 -27.33
CA PRO D 4 11.78 -30.29 -28.26
C PRO D 4 11.52 -31.67 -28.85
N ASN D 5 12.47 -32.59 -28.72
CA ASN D 5 12.35 -33.93 -29.29
C ASN D 5 12.37 -35.03 -28.22
N ILE D 6 11.35 -35.04 -27.37
CA ILE D 6 11.20 -36.06 -26.34
C ILE D 6 10.46 -37.25 -26.96
N PRO D 7 10.99 -38.48 -26.79
CA PRO D 7 10.37 -39.65 -27.42
C PRO D 7 8.90 -39.82 -27.03
N ALA D 8 8.11 -40.29 -27.98
CA ALA D 8 6.69 -40.58 -27.75
C ALA D 8 6.56 -41.59 -26.61
N GLU D 9 5.46 -41.48 -25.86
CA GLU D 9 5.21 -42.38 -24.75
C GLU D 9 5.17 -43.82 -25.27
N GLY D 10 5.99 -44.68 -24.66
CA GLY D 10 6.08 -46.08 -25.07
C GLY D 10 7.21 -46.41 -26.03
N ALA D 11 7.77 -45.39 -26.66
CA ALA D 11 8.91 -45.56 -27.59
C ALA D 11 10.18 -45.88 -26.82
N GLN D 12 10.89 -46.91 -27.27
CA GLN D 12 12.11 -47.37 -26.61
C GLN D 12 13.33 -46.59 -27.05
N PHE D 13 14.26 -46.35 -26.12
CA PHE D 13 15.47 -45.60 -26.41
C PHE D 13 16.59 -45.91 -25.42
N ARG D 14 17.81 -45.56 -25.80
CA ARG D 14 18.93 -45.49 -24.88
C ARG D 14 19.16 -44.04 -24.51
N LEU D 15 19.74 -43.83 -23.33
CA LEU D 15 20.20 -42.51 -22.93
C LEU D 15 21.71 -42.48 -23.03
N ARG D 16 22.22 -41.71 -24.00
CA ARG D 16 23.65 -41.66 -24.27
C ARG D 16 24.20 -40.28 -23.95
N ALA D 17 25.27 -40.26 -23.17
CA ALA D 17 25.93 -39.01 -22.82
C ALA D 17 26.64 -38.42 -24.04
N ARG D 18 26.47 -37.12 -24.25
CA ARG D 18 27.03 -36.46 -25.41
C ARG D 18 28.56 -36.53 -25.46
N ASP D 19 29.21 -36.24 -24.34
CA ASP D 19 30.67 -36.16 -24.32
C ASP D 19 31.38 -37.51 -24.21
N THR D 20 31.00 -38.33 -23.23
CA THR D 20 31.65 -39.63 -23.05
C THR D 20 31.20 -40.65 -24.08
N GLY D 21 29.96 -40.52 -24.53
CA GLY D 21 29.35 -41.52 -25.40
C GLY D 21 28.86 -42.75 -24.66
N TYR D 22 28.92 -42.70 -23.32
CA TYR D 22 28.48 -43.83 -22.50
C TYR D 22 26.96 -43.83 -22.41
N VAL D 23 26.38 -44.99 -22.12
CA VAL D 23 24.94 -45.11 -21.94
C VAL D 23 24.58 -45.43 -20.49
N ILE D 24 23.37 -45.06 -20.09
CA ILE D 24 22.85 -45.45 -18.78
C ILE D 24 22.29 -46.87 -18.86
N TYR D 25 22.53 -47.66 -17.83
CA TYR D 25 21.83 -48.93 -17.66
C TYR D 25 21.06 -48.92 -16.33
N SER D 26 20.04 -49.78 -16.27
CA SER D 26 19.22 -49.94 -15.08
C SER D 26 18.89 -51.44 -14.95
N ARG D 27 19.51 -52.08 -13.96
CA ARG D 27 19.38 -53.53 -13.79
C ARG D 27 19.01 -53.91 -12.35
N THR D 28 18.83 -55.21 -12.11
CA THR D 28 18.35 -55.70 -10.82
C THR D 28 19.39 -56.46 -10.00
N GLU D 29 20.52 -56.79 -10.63
CA GLU D 29 21.60 -57.48 -9.94
C GLU D 29 22.95 -56.79 -10.15
N ASN D 30 23.87 -57.02 -9.22
CA ASN D 30 25.24 -56.50 -9.30
C ASN D 30 25.34 -54.98 -9.23
N PRO D 31 25.39 -54.41 -8.00
CA PRO D 31 25.55 -52.96 -7.81
C PRO D 31 26.84 -52.45 -8.47
N PRO D 32 26.82 -51.21 -9.00
CA PRO D 32 25.68 -50.29 -9.00
C PRO D 32 24.58 -50.70 -9.98
N LEU D 33 23.33 -50.63 -9.53
CA LEU D 33 22.19 -51.05 -10.34
C LEU D 33 21.85 -50.08 -11.45
N VAL D 34 22.22 -48.81 -11.25
CA VAL D 34 22.13 -47.80 -12.30
C VAL D 34 23.49 -47.13 -12.37
N TRP D 35 24.07 -47.10 -13.56
CA TRP D 35 25.38 -46.51 -13.78
C TRP D 35 25.55 -46.24 -15.25
N GLN D 36 26.73 -45.80 -15.64
CA GLN D 36 27.06 -45.62 -17.05
C GLN D 36 27.86 -46.82 -17.55
N TYR D 37 27.85 -47.00 -18.87
CA TYR D 37 28.47 -48.17 -19.49
C TYR D 37 29.05 -47.86 -20.85
N ASN D 38 30.24 -48.41 -21.09
CA ASN D 38 30.94 -48.30 -22.36
C ASN D 38 31.17 -49.70 -22.89
N GLY D 39 30.23 -50.16 -23.71
CA GLY D 39 30.31 -51.49 -24.30
C GLY D 39 29.14 -51.81 -25.19
N PRO D 40 28.94 -53.11 -25.51
CA PRO D 40 27.89 -53.58 -26.40
C PRO D 40 26.48 -53.20 -25.94
N PRO D 41 25.52 -53.15 -26.88
CA PRO D 41 24.12 -52.93 -26.51
C PRO D 41 23.53 -54.11 -25.75
N TYR D 42 22.89 -53.81 -24.60
CA TYR D 42 22.15 -54.80 -23.82
C TYR D 42 20.79 -54.22 -23.46
N ASP D 43 19.83 -55.12 -23.20
CA ASP D 43 18.45 -54.72 -22.93
C ASP D 43 18.27 -53.81 -21.72
N ASP D 44 19.14 -53.94 -20.72
CA ASP D 44 19.02 -53.11 -19.51
C ASP D 44 19.43 -51.65 -19.73
N GLN D 45 19.80 -51.33 -20.97
CA GLN D 45 20.09 -49.96 -21.38
C GLN D 45 18.87 -49.34 -22.07
N LEU D 46 17.79 -50.12 -22.19
CA LEU D 46 16.58 -49.66 -22.87
C LEU D 46 15.54 -49.10 -21.91
N PHE D 47 14.98 -47.96 -22.29
CA PHE D 47 13.99 -47.26 -21.49
C PHE D 47 12.81 -46.81 -22.32
N THR D 48 11.68 -46.59 -21.65
CA THR D 48 10.56 -45.83 -22.20
C THR D 48 10.21 -44.73 -21.21
N LEU D 49 9.39 -43.78 -21.64
CA LEU D 49 8.93 -42.71 -20.76
C LEU D 49 7.47 -42.89 -20.36
N ILE D 50 7.20 -42.66 -19.08
CA ILE D 50 5.84 -42.48 -18.59
C ILE D 50 5.62 -40.97 -18.59
N TYR D 51 4.65 -40.51 -19.38
CA TYR D 51 4.36 -39.08 -19.47
C TYR D 51 3.64 -38.60 -18.22
N GLY D 52 4.20 -37.59 -17.58
CA GLY D 52 3.57 -36.99 -16.42
C GLY D 52 2.30 -36.24 -16.77
N THR D 53 1.28 -36.39 -15.94
CA THR D 53 0.03 -35.64 -16.08
C THR D 53 -0.24 -34.86 -14.80
N GLY D 54 -1.13 -33.88 -14.88
CA GLY D 54 -1.49 -33.04 -13.74
C GLY D 54 -0.28 -32.28 -13.21
N PRO D 55 0.07 -32.51 -11.93
CA PRO D 55 1.25 -31.85 -11.36
C PRO D 55 2.57 -32.38 -11.93
N HIS D 56 2.52 -33.48 -12.68
CA HIS D 56 3.70 -34.01 -13.35
C HIS D 56 3.80 -33.58 -14.78
N GLN D 57 2.98 -32.61 -15.18
CA GLN D 57 3.03 -32.09 -16.55
C GLN D 57 4.42 -31.56 -16.88
N ASN D 58 4.95 -31.95 -18.03
CA ASN D 58 6.32 -31.64 -18.48
C ASN D 58 7.41 -32.37 -17.69
N LEU D 59 6.99 -33.35 -16.88
CA LEU D 59 7.90 -34.29 -16.24
C LEU D 59 7.61 -35.70 -16.73
N TYR D 60 8.59 -36.59 -16.53
CA TYR D 60 8.55 -37.94 -17.10
C TYR D 60 9.23 -38.91 -16.15
N ALA D 61 8.69 -40.13 -16.08
CA ALA D 61 9.37 -41.20 -15.39
C ALA D 61 10.11 -42.05 -16.42
N ILE D 62 11.32 -42.49 -16.06
CA ILE D 62 12.17 -43.23 -16.98
C ILE D 62 12.18 -44.70 -16.59
N LYS D 63 11.46 -45.51 -17.38
CA LYS D 63 11.14 -46.89 -17.02
C LYS D 63 11.96 -47.90 -17.83
N SER D 64 12.58 -48.83 -17.11
CA SER D 64 13.35 -49.92 -17.71
C SER D 64 12.47 -50.86 -18.54
N VAL D 65 12.90 -51.16 -19.76
CA VAL D 65 12.18 -52.11 -20.61
C VAL D 65 12.17 -53.53 -20.03
N PRO D 66 13.36 -54.12 -19.74
CA PRO D 66 13.36 -55.49 -19.24
C PRO D 66 12.77 -55.68 -17.83
N ASN D 67 13.06 -54.77 -16.90
CA ASN D 67 12.67 -54.98 -15.49
C ASN D 67 11.55 -54.08 -14.95
N GLY D 68 11.16 -53.07 -15.71
CA GLY D 68 10.03 -52.22 -15.34
C GLY D 68 10.24 -51.21 -14.23
N ARG D 69 11.44 -51.19 -13.64
CA ARG D 69 11.76 -50.22 -12.60
C ARG D 69 11.96 -48.85 -13.21
N VAL D 70 11.65 -47.81 -12.43
CA VAL D 70 11.88 -46.43 -12.87
C VAL D 70 13.12 -45.88 -12.18
N LEU D 71 13.77 -44.91 -12.82
CA LEU D 71 14.94 -44.27 -12.25
C LEU D 71 14.56 -43.33 -11.11
N PHE D 72 15.49 -43.15 -10.18
CA PHE D 72 15.39 -42.07 -9.21
C PHE D 72 16.68 -41.28 -9.16
N SER D 73 16.55 -40.02 -8.78
CA SER D 73 17.70 -39.14 -8.62
C SER D 73 17.44 -38.28 -7.40
N ARG D 74 18.22 -38.51 -6.35
CA ARG D 74 17.99 -37.92 -5.05
C ARG D 74 19.29 -37.50 -4.39
N THR D 75 19.18 -36.77 -3.28
CA THR D 75 20.34 -36.43 -2.47
C THR D 75 20.13 -36.81 -1.01
N SER D 76 19.00 -37.47 -0.74
CA SER D 76 18.59 -37.83 0.61
CA SER D 76 18.60 -37.82 0.62
C SER D 76 19.30 -39.06 1.17
N ALA D 77 19.74 -39.94 0.27
CA ALA D 77 20.39 -41.20 0.66
C ALA D 77 21.33 -41.71 -0.43
N SER D 78 22.20 -42.65 -0.07
CA SER D 78 23.06 -43.34 -1.03
C SER D 78 22.42 -44.67 -1.44
N PRO D 79 22.47 -45.00 -2.75
CA PRO D 79 23.03 -44.19 -3.83
C PRO D 79 22.10 -43.07 -4.27
N HIS D 80 22.68 -42.00 -4.79
CA HIS D 80 21.94 -40.85 -5.29
C HIS D 80 21.11 -41.18 -6.49
N VAL D 81 21.65 -42.03 -7.38
CA VAL D 81 20.95 -42.43 -8.59
C VAL D 81 20.73 -43.94 -8.56
N GLY D 82 19.50 -44.35 -8.84
CA GLY D 82 19.18 -45.78 -8.80
C GLY D 82 17.84 -46.06 -9.44
N ASN D 83 17.31 -47.23 -9.14
CA ASN D 83 15.99 -47.59 -9.63
C ASN D 83 15.10 -48.13 -8.52
N ILE D 84 13.81 -48.16 -8.79
CA ILE D 84 12.81 -48.64 -7.83
C ILE D 84 11.56 -49.10 -8.58
N ALA D 85 10.86 -50.09 -8.01
CA ALA D 85 9.62 -50.60 -8.59
C ALA D 85 8.53 -49.54 -8.64
N GLY D 86 7.57 -49.75 -9.53
CA GLY D 86 6.44 -48.84 -9.68
C GLY D 86 6.46 -48.07 -10.98
N ASP D 87 5.57 -47.09 -11.07
CA ASP D 87 5.44 -46.26 -12.26
C ASP D 87 5.58 -44.78 -11.90
N GLY D 88 6.45 -44.51 -10.93
CA GLY D 88 6.69 -43.14 -10.47
C GLY D 88 5.97 -42.80 -9.18
N THR D 89 6.01 -43.74 -8.23
CA THR D 89 5.34 -43.57 -6.93
C THR D 89 5.98 -42.42 -6.12
N TYR D 90 7.28 -42.25 -6.27
CA TYR D 90 8.02 -41.25 -5.51
C TYR D 90 8.31 -40.01 -6.36
N ASN D 91 8.39 -38.87 -5.69
CA ASN D 91 8.61 -37.60 -6.36
C ASN D 91 9.94 -37.53 -7.10
N ASP D 92 10.96 -38.20 -6.55
CA ASP D 92 12.27 -38.25 -7.17
C ASP D 92 12.36 -39.23 -8.35
N ASN D 93 11.22 -39.78 -8.75
CA ASN D 93 11.11 -40.58 -9.97
C ASN D 93 10.76 -39.73 -11.20
N TRP D 94 10.61 -38.43 -11.01
CA TRP D 94 10.13 -37.56 -12.07
C TRP D 94 11.17 -36.62 -12.58
N PHE D 95 11.28 -36.55 -13.91
CA PHE D 95 12.36 -35.84 -14.57
C PHE D 95 11.91 -34.85 -15.62
N GLN D 96 12.63 -33.73 -15.71
CA GLN D 96 12.44 -32.75 -16.76
C GLN D 96 13.61 -32.86 -17.73
N PHE D 97 13.33 -32.76 -19.02
CA PHE D 97 14.40 -32.76 -20.02
C PHE D 97 14.58 -31.36 -20.53
N ILE D 98 15.66 -30.72 -20.07
CA ILE D 98 15.90 -29.30 -20.32
C ILE D 98 16.95 -29.12 -21.40
N GLN D 99 16.54 -28.53 -22.52
CA GLN D 99 17.44 -28.28 -23.65
C GLN D 99 18.60 -27.41 -23.20
N ASP D 100 19.81 -27.74 -23.67
CA ASP D 100 20.95 -26.87 -23.43
C ASP D 100 20.77 -25.56 -24.20
N ASP D 101 21.20 -24.46 -23.60
CA ASP D 101 21.00 -23.15 -24.22
C ASP D 101 22.01 -22.82 -25.31
N ASN D 102 23.03 -23.67 -25.47
CA ASN D 102 24.04 -23.45 -26.50
C ASN D 102 24.03 -24.56 -27.55
N ASP D 103 23.89 -25.80 -27.10
CA ASP D 103 23.76 -26.94 -28.00
C ASP D 103 22.29 -27.37 -28.03
N PRO D 104 21.57 -27.01 -29.11
CA PRO D 104 20.14 -27.31 -29.14
C PRO D 104 19.84 -28.81 -29.27
N ASN D 105 20.86 -29.60 -29.55
CA ASN D 105 20.69 -31.04 -29.77
C ASN D 105 20.92 -31.93 -28.54
N SER D 106 21.14 -31.29 -27.40
CA SER D 106 21.28 -32.06 -26.16
CA SER D 106 21.36 -32.02 -26.13
C SER D 106 20.49 -31.44 -25.02
N PHE D 107 20.35 -32.21 -23.94
CA PHE D 107 19.52 -31.79 -22.82
C PHE D 107 20.10 -32.31 -21.52
N ARG D 108 19.65 -31.70 -20.43
CA ARG D 108 19.94 -32.18 -19.10
C ARG D 108 18.78 -33.01 -18.58
N ILE D 109 19.11 -34.04 -17.80
CA ILE D 109 18.13 -34.87 -17.14
C ILE D 109 17.98 -34.34 -15.72
N TYR D 110 16.96 -33.52 -15.53
CA TYR D 110 16.77 -32.72 -14.33
C TYR D 110 15.71 -33.26 -13.38
N SER D 111 16.05 -33.29 -12.10
CA SER D 111 15.12 -33.70 -11.04
C SER D 111 14.60 -32.47 -10.31
N LEU D 112 13.29 -32.24 -10.38
CA LEU D 112 12.67 -31.17 -9.61
C LEU D 112 12.72 -31.49 -8.12
N ALA D 113 12.54 -32.76 -7.77
CA ALA D 113 12.60 -33.19 -6.38
C ALA D 113 13.93 -32.84 -5.71
N SER D 114 15.04 -33.13 -6.38
CA SER D 114 16.37 -32.97 -5.77
C SER D 114 17.17 -31.78 -6.28
N ASP D 115 16.64 -31.08 -7.30
CA ASP D 115 17.34 -29.94 -7.94
C ASP D 115 18.72 -30.37 -8.47
N THR D 116 18.79 -31.57 -9.05
CA THR D 116 20.04 -32.09 -9.58
C THR D 116 19.90 -32.45 -11.06
N VAL D 117 21.05 -32.58 -11.72
CA VAL D 117 21.13 -33.12 -13.07
C VAL D 117 22.06 -34.34 -13.09
N LEU D 118 21.82 -35.26 -14.00
CA LEU D 118 22.71 -36.42 -14.15
C LEU D 118 23.95 -36.04 -14.96
N TYR D 119 25.08 -36.63 -14.61
CA TYR D 119 26.31 -36.37 -15.36
C TYR D 119 27.05 -37.66 -15.66
N SER D 120 27.89 -37.59 -16.69
CA SER D 120 28.72 -38.70 -17.12
C SER D 120 30.11 -38.18 -17.48
N ARG D 121 31.12 -38.72 -16.81
CA ARG D 121 32.50 -38.32 -17.07
C ARG D 121 33.43 -39.52 -16.93
N THR D 122 34.65 -39.39 -17.46
CA THR D 122 35.65 -40.46 -17.32
C THR D 122 36.38 -40.38 -15.99
N THR D 123 36.44 -39.17 -15.43
CA THR D 123 37.20 -38.87 -14.22
C THR D 123 36.79 -37.45 -13.80
N PRO D 124 36.88 -37.11 -12.50
CA PRO D 124 37.22 -37.99 -11.37
C PRO D 124 36.02 -38.79 -10.88
N ASP D 125 36.25 -39.62 -9.86
CA ASP D 125 35.18 -40.38 -9.25
C ASP D 125 34.33 -39.45 -8.37
N PRO D 126 33.02 -39.73 -8.26
CA PRO D 126 32.28 -40.75 -9.00
C PRO D 126 32.08 -40.35 -10.45
N GLN D 127 32.24 -41.31 -11.35
CA GLN D 127 32.21 -41.02 -12.79
C GLN D 127 30.79 -40.77 -13.31
N PHE D 128 29.80 -41.30 -12.60
CA PHE D 128 28.40 -41.09 -12.93
C PHE D 128 27.69 -40.70 -11.64
N GLY D 129 26.66 -39.85 -11.75
CA GLY D 129 25.90 -39.45 -10.58
C GLY D 129 25.02 -38.27 -10.86
N ASN D 130 24.63 -37.58 -9.79
CA ASN D 130 23.87 -36.34 -9.94
C ASN D 130 24.62 -35.17 -9.31
N TYR D 131 24.20 -33.96 -9.65
CA TYR D 131 24.95 -32.76 -9.33
C TYR D 131 24.04 -31.53 -9.33
N THR D 132 24.22 -30.68 -8.31
CA THR D 132 23.56 -29.38 -8.22
C THR D 132 24.61 -28.30 -8.33
N GLY D 133 24.52 -27.48 -9.37
CA GLY D 133 25.47 -26.38 -9.54
C GLY D 133 25.52 -25.90 -10.97
N ALA D 134 26.67 -25.34 -11.34
CA ALA D 134 26.88 -24.75 -12.65
C ALA D 134 26.71 -25.73 -13.80
N LYS D 135 26.49 -25.19 -14.98
CA LYS D 135 26.34 -25.98 -16.19
C LYS D 135 27.70 -26.47 -16.68
N TYR D 136 27.80 -27.77 -16.88
CA TYR D 136 28.97 -28.40 -17.45
C TYR D 136 28.52 -29.32 -18.56
N ASP D 137 29.38 -29.49 -19.57
CA ASP D 137 29.04 -30.30 -20.73
C ASP D 137 28.84 -31.77 -20.42
N ASP D 138 29.42 -32.26 -19.31
CA ASP D 138 29.23 -33.65 -18.93
C ASP D 138 27.82 -33.96 -18.42
N GLN D 139 26.98 -32.93 -18.37
CA GLN D 139 25.58 -33.08 -17.97
C GLN D 139 24.64 -33.21 -19.17
N LEU D 140 25.22 -33.31 -20.37
CA LEU D 140 24.42 -33.30 -21.60
C LEU D 140 24.20 -34.70 -22.16
N TRP D 141 22.94 -34.95 -22.56
CA TRP D 141 22.48 -36.27 -22.99
C TRP D 141 21.77 -36.22 -24.31
N HIS D 142 21.70 -37.39 -24.96
CA HIS D 142 20.88 -37.62 -26.15
C HIS D 142 19.91 -38.75 -25.91
N PHE D 143 18.74 -38.66 -26.55
CA PHE D 143 17.84 -39.80 -26.69
C PHE D 143 18.27 -40.58 -27.93
N GLU D 144 18.51 -41.88 -27.76
CA GLU D 144 18.89 -42.74 -28.88
C GLU D 144 17.79 -43.76 -29.12
N LEU D 145 16.90 -43.45 -30.06
CA LEU D 145 15.75 -44.29 -30.37
C LEU D 145 16.19 -45.62 -30.98
N VAL D 146 15.54 -46.70 -30.56
CA VAL D 146 15.83 -48.02 -31.11
C VAL D 146 14.67 -48.56 -31.94
C2 BGC E . -19.91 3.18 15.93
C3 BGC E . -20.08 4.65 16.33
C4 BGC E . -21.29 5.32 15.66
C5 BGC E . -22.54 4.42 15.64
C6 BGC E . -23.60 4.97 14.69
C1 BGC E . -21.24 2.45 16.06
O1 BGC E . -21.08 1.09 15.64
O2 BGC E . -18.94 2.56 16.78
O3 BGC E . -18.88 5.37 15.98
O4 BGC E . -21.56 6.51 16.40
O5 BGC E . -22.20 3.09 15.21
O6 BGC E . -24.56 5.72 15.43
C1 GAL E . -21.62 7.69 15.62
C2 GAL E . -22.20 8.82 16.48
C3 GAL E . -22.03 10.19 15.82
C4 GAL E . -20.59 10.38 15.33
C5 GAL E . -20.23 9.21 14.40
C6 GAL E . -18.83 9.33 13.84
O2 GAL E . -23.58 8.57 16.73
O3 GAL E . -22.39 11.23 16.73
O4 GAL E . -19.70 10.42 16.45
O5 GAL E . -20.29 8.01 15.17
O6 GAL E . -18.82 10.26 12.75
C2 BGC F . -4.40 46.04 6.77
C3 BGC F . -3.92 46.18 8.21
C4 BGC F . -2.83 45.18 8.58
C5 BGC F . -1.72 45.25 7.53
C6 BGC F . -0.55 44.30 7.76
C1 BGC F . -3.20 46.00 5.83
O1 BGC F . -3.62 45.70 4.49
O2 BGC F . -5.25 47.13 6.44
O3 BGC F . -5.04 46.10 9.11
O4 BGC F . -2.27 45.57 9.82
O5 BGC F . -2.29 44.98 6.24
O6 BGC F . -1.00 42.94 7.69
C1 GAL F . -2.15 44.56 10.81
C2 GAL F . -1.13 45.11 11.80
C3 GAL F . -1.11 44.31 13.11
C4 GAL F . -2.52 44.18 13.65
C5 GAL F . -3.42 43.55 12.58
C6 GAL F . -4.87 43.42 13.02
O2 GAL F . 0.18 45.10 11.20
O3 GAL F . -0.27 44.97 14.06
O4 GAL F . -3.01 45.48 14.00
O5 GAL F . -3.42 44.37 11.42
O6 GAL F . -4.97 42.50 14.11
C2 BGC G . -25.27 44.91 1.00
C3 BGC G . -24.32 43.71 0.96
C4 BGC G . -25.03 42.42 0.57
C5 BGC G . -25.95 42.62 -0.65
C6 BGC G . -26.81 41.40 -0.96
C1 BGC G . -26.08 44.98 -0.29
O1 BGC G . -27.00 46.07 -0.21
O2 BGC G . -24.52 46.11 1.16
O3 BGC G . -23.68 43.56 2.24
O4 BGC G . -24.04 41.44 0.26
O5 BGC G . -26.80 43.76 -0.46
O6 BGC G . -27.67 41.10 0.15
C1 GAL G . -24.21 40.18 0.91
C2 GAL G . -23.36 39.15 0.17
C3 GAL G . -23.29 37.82 0.93
C4 GAL G . -22.92 38.05 2.40
C5 GAL G . -23.88 39.06 3.01
C6 GAL G . -23.55 39.37 4.47
O2 GAL G . -23.89 38.92 -1.14
O3 GAL G . -22.35 36.95 0.31
O4 GAL G . -21.58 38.55 2.48
O5 GAL G . -23.81 40.28 2.29
O6 GAL G . -23.79 38.25 5.32
C2 BGC H . 31.37 -34.12 -6.39
C3 BGC H . 31.83 -33.85 -7.82
C4 BGC H . 31.82 -32.36 -8.17
C5 BGC H . 32.60 -31.58 -7.10
C6 BGC H . 32.67 -30.07 -7.34
C1 BGC H . 32.12 -33.19 -5.43
O1 BGC H . 31.61 -33.30 -4.10
O2 BGC H . 31.63 -35.48 -6.06
O3 BGC H . 31.04 -34.60 -8.75
O4 BGC H . 32.49 -32.23 -9.41
O5 BGC H . 32.00 -31.82 -5.83
O6 BGC H . 31.36 -29.49 -7.30
C1 GAL H . 31.85 -31.42 -10.39
C2 GAL H . 32.96 -31.03 -11.38
C3 GAL H . 32.40 -30.45 -12.67
C4 GAL H . 31.35 -31.41 -13.25
C5 GAL H . 30.27 -31.65 -12.20
C6 GAL H . 29.20 -32.63 -12.66
O2 GAL H . 33.81 -30.08 -10.73
O3 GAL H . 33.46 -30.26 -13.61
O4 GAL H . 31.99 -32.64 -13.60
O5 GAL H . 30.86 -32.22 -11.03
O6 GAL H . 28.47 -32.07 -13.76
C2 BGC I . 16.19 -48.92 -1.27
C3 BGC I . 15.89 -47.42 -1.21
C4 BGC I . 14.44 -47.12 -0.81
C5 BGC I . 13.98 -47.99 0.37
C6 BGC I . 12.48 -47.88 0.63
C1 BGC I . 15.70 -49.62 -0.01
O1 BGC I . 15.92 -51.02 -0.13
O2 BGC I . 17.60 -49.11 -1.42
O3 BGC I . 16.17 -46.81 -2.48
O4 BGC I . 14.37 -45.74 -0.44
O5 BGC I . 14.30 -49.37 0.15
O6 BGC I . 11.74 -48.42 -0.48
C1 GAL I . 13.38 -44.99 -1.15
C2 GAL I . 13.17 -43.67 -0.39
C3 GAL I . 12.27 -42.71 -1.18
C4 GAL I . 12.76 -42.57 -2.63
C5 GAL I . 12.90 -43.96 -3.26
C6 GAL I . 13.42 -43.90 -4.69
O2 GAL I . 12.59 -43.96 0.88
O3 GAL I . 12.23 -41.43 -0.55
O4 GAL I . 14.03 -41.92 -2.64
O5 GAL I . 13.82 -44.73 -2.48
O6 GAL I . 12.44 -43.36 -5.57
C1 GOL J . 0.60 16.96 24.79
O1 GOL J . 1.18 15.65 24.63
C2 GOL J . -0.92 16.91 24.73
O2 GOL J . -1.41 16.05 25.77
C3 GOL J . -1.37 16.35 23.39
O3 GOL J . -1.04 17.26 22.33
C1 GOL K . -1.57 -2.04 8.34
O1 GOL K . -2.91 -2.00 8.82
C2 GOL K . -0.63 -1.33 9.32
O2 GOL K . -0.73 -1.94 10.61
C3 GOL K . -1.00 0.15 9.45
O3 GOL K . -0.88 0.82 8.18
C1 GOL L . -7.75 32.60 15.74
O1 GOL L . -7.06 31.73 16.64
C2 GOL L . -6.77 33.23 14.77
O2 GOL L . -5.66 33.77 15.48
C3 GOL L . -6.26 32.17 13.79
O3 GOL L . -5.33 32.79 12.88
C1 GOL M . -24.80 55.51 18.53
O1 GOL M . -25.11 55.08 17.21
C2 GOL M . -23.29 55.55 18.73
O2 GOL M . -22.70 56.41 17.74
C3 GOL M . -22.68 54.17 18.61
O3 GOL M . -23.13 53.34 19.69
C1 GOL N . -6.25 -20.87 -13.48
O1 GOL N . -4.94 -20.63 -12.94
C2 GOL N . -6.61 -19.80 -14.50
O2 GOL N . -7.95 -20.00 -14.95
C3 GOL N . -5.64 -19.81 -15.70
O3 GOL N . -5.52 -21.13 -16.24
C1 GOL O . 13.54 -10.62 -24.54
O1 GOL O . 12.95 -9.34 -24.33
C2 GOL O . 12.48 -11.72 -24.49
O2 GOL O . 11.52 -11.48 -25.54
C3 GOL O . 11.74 -11.70 -23.16
O3 GOL O . 12.62 -12.12 -22.11
C1 GOL P . -2.18 0.31 -8.16
O1 GOL P . -3.02 -0.73 -8.66
C2 GOL P . -1.02 0.53 -9.12
O2 GOL P . -1.54 0.92 -10.41
C3 GOL P . -0.19 -0.74 -9.30
O3 GOL P . 0.38 -1.16 -8.05
C1 GOL Q . 19.86 -26.23 -13.55
O1 GOL Q . 20.96 -25.93 -12.67
C2 GOL Q . 20.33 -27.22 -14.62
O2 GOL Q . 21.57 -26.76 -15.20
C3 GOL Q . 19.26 -27.38 -15.70
O3 GOL Q . 19.16 -26.19 -16.49
C1 GOL R . 24.99 -55.40 -18.67
O1 GOL R . 24.39 -55.36 -17.37
C2 GOL R . 26.02 -54.27 -18.81
O2 GOL R . 27.03 -54.41 -17.82
C3 GOL R . 25.34 -52.91 -18.64
O3 GOL R . 24.49 -52.65 -19.77
#